data_1ZWY
#
_entry.id   1ZWY
#
_cell.length_a   53.399
_cell.length_b   105.347
_cell.length_c   75.272
_cell.angle_alpha   90.00
_cell.angle_beta   104.57
_cell.angle_gamma   90.00
#
_symmetry.space_group_name_H-M   'P 1 21 1'
#
loop_
_entity.id
_entity.type
_entity.pdbx_description
1 polymer 'Hypothetical UPF0244 protein VC0702'
2 water water
#
_entity_poly.entity_id   1
_entity_poly.type   'polypeptide(L)'
_entity_poly.pdbx_seq_one_letter_code
;NA(MSE)PPIIKRRV(MSE)RKIIIASQNPAKVNAVRSAFSTVFPDQEWEFIGVSVPSEVADQP(MSE)SDEETKQGALN
RVRNAKQRHPGAEYYVGLEAGIEENKTFAW(MSE)IVESDQQRGESRSACL(MSE)LPPLVLERLRQAKELGDV(MSE)D
EVFGTENIKQKGGAIGLLTRHHLTRSTVYHQALILALIPFINPEHYPSA
;
_entity_poly.pdbx_strand_id   A,B,C,D
#
# COMPACT_ATOMS: atom_id res chain seq x y z
N VAL A 11 -5.65 -29.20 -19.19
CA VAL A 11 -4.44 -28.59 -19.81
C VAL A 11 -3.99 -27.32 -19.11
N ARG A 13 -2.95 -25.75 -15.18
CA ARG A 13 -2.50 -26.19 -13.86
C ARG A 13 -3.44 -25.75 -12.73
N LYS A 14 -3.59 -26.57 -11.71
CA LYS A 14 -4.54 -26.29 -10.63
C LYS A 14 -3.86 -25.84 -9.33
N ILE A 15 -4.52 -24.92 -8.63
CA ILE A 15 -4.22 -24.62 -7.25
C ILE A 15 -5.44 -24.86 -6.39
N ILE A 16 -5.27 -25.74 -5.41
CA ILE A 16 -6.32 -26.11 -4.49
C ILE A 16 -6.15 -25.28 -3.20
N ILE A 17 -7.21 -24.56 -2.83
CA ILE A 17 -7.29 -23.81 -1.60
C ILE A 17 -8.16 -24.66 -0.67
N ALA A 18 -7.59 -25.05 0.47
CA ALA A 18 -8.31 -25.87 1.47
C ALA A 18 -9.34 -25.06 2.27
N SER A 19 -10.20 -24.37 1.51
CA SER A 19 -11.32 -23.60 2.01
C SER A 19 -12.22 -23.19 0.85
N GLN A 20 -13.54 -23.19 1.09
CA GLN A 20 -14.50 -22.64 0.13
C GLN A 20 -14.85 -21.20 0.42
N ASN A 21 -14.14 -20.58 1.37
CA ASN A 21 -14.32 -19.16 1.62
C ASN A 21 -13.82 -18.33 0.43
N PRO A 22 -14.72 -17.49 -0.15
CA PRO A 22 -14.38 -16.60 -1.27
C PRO A 22 -13.22 -15.63 -1.00
N ALA A 23 -13.21 -15.01 0.18
CA ALA A 23 -12.13 -14.13 0.62
C ALA A 23 -10.75 -14.82 0.66
N LYS A 24 -10.75 -16.07 1.09
CA LYS A 24 -9.54 -16.91 1.14
C LYS A 24 -9.10 -17.33 -0.27
N VAL A 25 -10.05 -17.74 -1.12
CA VAL A 25 -9.73 -18.02 -2.52
C VAL A 25 -9.17 -16.77 -3.23
N ASN A 26 -9.81 -15.61 -3.04
CA ASN A 26 -9.36 -14.32 -3.59
C ASN A 26 -7.93 -13.95 -3.14
N ALA A 27 -7.69 -14.09 -1.85
CA ALA A 27 -6.37 -13.81 -1.29
C ALA A 27 -5.29 -14.65 -1.97
N VAL A 28 -5.56 -15.95 -2.14
CA VAL A 28 -4.58 -16.86 -2.73
C VAL A 28 -4.33 -16.49 -4.20
N ARG A 29 -5.41 -16.22 -4.93
CA ARG A 29 -5.31 -15.74 -6.33
C ARG A 29 -4.42 -14.50 -6.42
N SER A 30 -4.67 -13.52 -5.55
CA SER A 30 -3.93 -12.25 -5.55
CA SER A 30 -3.94 -12.26 -5.54
C SER A 30 -2.45 -12.48 -5.27
N ALA A 31 -2.12 -13.34 -4.31
CA ALA A 31 -0.72 -13.58 -3.98
C ALA A 31 0.01 -14.25 -5.15
N PHE A 32 -0.61 -15.28 -5.72
CA PHE A 32 0.03 -15.97 -6.83
C PHE A 32 0.15 -15.07 -8.06
N SER A 33 -0.85 -14.22 -8.28
CA SER A 33 -0.86 -13.24 -9.40
C SER A 33 0.21 -12.16 -9.23
N THR A 34 0.48 -11.78 -7.98
CA THR A 34 1.55 -10.82 -7.70
C THR A 34 2.93 -11.44 -7.92
N VAL A 35 3.13 -12.65 -7.38
CA VAL A 35 4.47 -13.23 -7.31
C VAL A 35 4.84 -13.84 -8.66
N PHE A 36 3.86 -14.48 -9.31
CA PHE A 36 4.03 -15.12 -10.62
C PHE A 36 3.06 -14.52 -11.65
N PRO A 37 3.32 -13.28 -12.10
CA PRO A 37 2.35 -12.57 -12.94
C PRO A 37 2.17 -13.16 -14.33
N ASP A 38 3.12 -13.98 -14.77
CA ASP A 38 3.10 -14.58 -16.10
C ASP A 38 2.36 -15.91 -16.13
N GLN A 39 2.33 -16.61 -15.01
CA GLN A 39 1.73 -17.94 -14.98
C GLN A 39 0.21 -17.88 -14.84
N GLU A 40 -0.47 -18.90 -15.33
CA GLU A 40 -1.92 -19.02 -15.20
C GLU A 40 -2.25 -20.25 -14.41
N TRP A 41 -3.27 -20.15 -13.55
CA TRP A 41 -3.71 -21.28 -12.74
C TRP A 41 -5.23 -21.28 -12.59
N GLU A 42 -5.81 -22.46 -12.51
CA GLU A 42 -7.20 -22.61 -12.09
C GLU A 42 -7.26 -22.76 -10.56
N PHE A 43 -7.80 -21.74 -9.89
CA PHE A 43 -7.89 -21.73 -8.44
C PHE A 43 -9.21 -22.34 -8.00
N ILE A 44 -9.12 -23.35 -7.13
CA ILE A 44 -10.29 -24.14 -6.72
C ILE A 44 -10.38 -24.25 -5.21
N GLY A 45 -11.47 -23.73 -4.64
CA GLY A 45 -11.72 -23.88 -3.20
C GLY A 45 -12.42 -25.20 -2.88
N VAL A 46 -11.88 -25.94 -1.92
CA VAL A 46 -12.48 -27.20 -1.49
C VAL A 46 -12.74 -27.20 0.03
N SER A 47 -13.70 -28.00 0.47
CA SER A 47 -14.00 -28.16 1.91
C SER A 47 -13.43 -29.46 2.47
N VAL A 48 -12.55 -29.34 3.46
CA VAL A 48 -11.91 -30.51 4.10
C VAL A 48 -11.86 -30.32 5.62
N PRO A 49 -11.80 -31.43 6.39
CA PRO A 49 -11.69 -31.31 7.86
C PRO A 49 -10.35 -30.70 8.31
N SER A 50 -10.39 -29.86 9.34
CA SER A 50 -9.18 -29.34 10.01
C SER A 50 -8.66 -30.24 11.15
N GLU A 51 -9.55 -31.08 11.68
CA GLU A 51 -9.30 -31.95 12.87
C GLU A 51 -8.90 -31.18 14.13
N VAL A 52 -9.35 -29.91 14.20
CA VAL A 52 -9.19 -29.05 15.37
C VAL A 52 -10.51 -28.30 15.59
N ALA A 53 -10.56 -27.49 16.67
CA ALA A 53 -11.76 -26.76 17.02
C ALA A 53 -12.14 -25.81 15.90
N ASP A 54 -13.44 -25.63 15.71
CA ASP A 54 -13.96 -24.64 14.76
C ASP A 54 -13.36 -23.26 14.96
N GLN A 55 -13.08 -22.90 16.20
CA GLN A 55 -12.37 -21.66 16.53
C GLN A 55 -11.11 -22.03 17.34
N PRO A 56 -9.96 -22.17 16.67
CA PRO A 56 -8.72 -22.52 17.38
C PRO A 56 -8.34 -21.49 18.45
N SER A 58 -5.38 -21.53 20.25
CA SER A 58 -3.94 -21.36 20.42
CA SER A 58 -3.94 -21.37 20.41
C SER A 58 -3.25 -21.27 19.06
N ASP A 59 -2.03 -20.71 19.06
CA ASP A 59 -1.16 -20.66 17.89
C ASP A 59 -0.93 -22.07 17.33
N GLU A 60 -0.54 -23.00 18.22
CA GLU A 60 -0.26 -24.39 17.80
C GLU A 60 -1.49 -25.03 17.12
N GLU A 61 -2.67 -24.87 17.73
CA GLU A 61 -3.89 -25.43 17.17
C GLU A 61 -4.24 -24.82 15.83
N THR A 62 -4.01 -23.50 15.69
CA THR A 62 -4.33 -22.77 14.48
C THR A 62 -3.44 -23.30 13.36
N LYS A 63 -2.14 -23.41 13.63
CA LYS A 63 -1.22 -23.94 12.63
C LYS A 63 -1.55 -25.42 12.26
N GLN A 64 -1.79 -26.23 13.28
CA GLN A 64 -2.14 -27.64 13.02
C GLN A 64 -3.34 -27.77 12.10
N GLY A 65 -4.35 -26.94 12.33
CA GLY A 65 -5.57 -26.94 11.52
C GLY A 65 -5.28 -26.66 10.06
N ALA A 66 -4.45 -25.64 9.80
CA ALA A 66 -4.08 -25.30 8.42
C ALA A 66 -3.29 -26.46 7.81
N LEU A 67 -2.36 -27.03 8.59
CA LEU A 67 -1.56 -28.17 8.09
C LEU A 67 -2.44 -29.37 7.73
N ASN A 68 -3.40 -29.66 8.60
CA ASN A 68 -4.31 -30.80 8.42
C ASN A 68 -5.16 -30.57 7.17
N ARG A 69 -5.62 -29.34 6.97
CA ARG A 69 -6.47 -29.05 5.83
C ARG A 69 -5.72 -29.24 4.52
N VAL A 70 -4.45 -28.79 4.48
CA VAL A 70 -3.63 -29.01 3.28
C VAL A 70 -3.41 -30.51 3.01
N ARG A 71 -3.09 -31.27 4.06
CA ARG A 71 -2.92 -32.73 3.94
C ARG A 71 -4.19 -33.43 3.44
N ASN A 72 -5.33 -33.00 3.97
CA ASN A 72 -6.61 -33.63 3.60
C ASN A 72 -6.94 -33.28 2.14
N ALA A 73 -6.67 -32.05 1.76
CA ALA A 73 -6.91 -31.55 0.39
C ALA A 73 -6.06 -32.34 -0.64
N LYS A 74 -4.81 -32.60 -0.26
CA LYS A 74 -3.89 -33.39 -1.09
C LYS A 74 -4.46 -34.79 -1.33
N GLN A 75 -4.95 -35.42 -0.26
CA GLN A 75 -5.55 -36.75 -0.32
CA GLN A 75 -5.53 -36.75 -0.34
C GLN A 75 -6.80 -36.77 -1.18
N ARG A 76 -7.73 -35.87 -0.89
CA ARG A 76 -9.02 -35.82 -1.58
C ARG A 76 -8.89 -35.38 -3.04
N HIS A 77 -7.97 -34.44 -3.30
CA HIS A 77 -7.84 -33.80 -4.62
C HIS A 77 -6.42 -33.87 -5.15
N PRO A 78 -5.94 -35.09 -5.48
CA PRO A 78 -4.56 -35.21 -5.96
C PRO A 78 -4.33 -34.54 -7.33
N GLY A 79 -3.08 -34.26 -7.67
CA GLY A 79 -2.74 -33.75 -8.98
C GLY A 79 -2.47 -32.27 -9.11
N ALA A 80 -2.79 -31.46 -8.09
CA ALA A 80 -2.63 -29.99 -8.22
C ALA A 80 -1.18 -29.52 -8.06
N GLU A 81 -0.87 -28.35 -8.58
CA GLU A 81 0.50 -27.89 -8.47
C GLU A 81 0.79 -27.36 -7.05
N TYR A 82 -0.15 -26.60 -6.50
CA TYR A 82 -0.02 -26.11 -5.11
C TYR A 82 -1.29 -26.34 -4.33
N TYR A 83 -1.14 -26.48 -3.01
CA TYR A 83 -2.27 -26.59 -2.07
C TYR A 83 -2.05 -25.55 -1.00
N VAL A 84 -3.11 -24.83 -0.63
CA VAL A 84 -2.95 -23.70 0.30
C VAL A 84 -3.93 -23.81 1.46
N GLY A 85 -3.41 -23.73 2.68
CA GLY A 85 -4.20 -23.67 3.91
C GLY A 85 -4.10 -22.27 4.44
N LEU A 86 -5.19 -21.77 5.00
CA LEU A 86 -5.26 -20.42 5.51
C LEU A 86 -6.26 -20.46 6.66
N GLU A 87 -5.78 -20.39 7.90
CA GLU A 87 -6.66 -20.55 9.05
CA GLU A 87 -6.64 -20.58 9.07
C GLU A 87 -6.38 -19.54 10.15
N ALA A 88 -7.44 -18.81 10.53
CA ALA A 88 -7.36 -17.82 11.59
C ALA A 88 -7.53 -18.46 12.97
N GLY A 89 -6.92 -17.84 13.98
CA GLY A 89 -7.04 -18.35 15.34
C GLY A 89 -6.75 -17.28 16.37
N ILE A 90 -6.83 -17.68 17.64
CA ILE A 90 -6.66 -16.77 18.74
C ILE A 90 -5.69 -17.41 19.74
N GLU A 91 -4.85 -16.60 20.38
CA GLU A 91 -4.14 -16.99 21.59
C GLU A 91 -4.00 -15.76 22.48
N GLU A 92 -4.32 -15.92 23.78
CA GLU A 92 -4.43 -14.79 24.74
C GLU A 92 -5.44 -13.78 24.18
N ASN A 93 -5.02 -12.51 24.06
CA ASN A 93 -5.90 -11.49 23.47
C ASN A 93 -5.63 -11.19 22.00
N LYS A 94 -4.87 -12.07 21.32
CA LYS A 94 -4.46 -11.83 19.94
C LYS A 94 -5.14 -12.75 18.99
N THR A 95 -5.34 -12.26 17.77
CA THR A 95 -5.74 -13.06 16.61
C THR A 95 -4.71 -12.87 15.48
N PHE A 96 -4.62 -13.90 14.65
CA PHE A 96 -3.62 -14.04 13.59
C PHE A 96 -4.13 -15.17 12.71
N ALA A 97 -3.42 -15.47 11.63
CA ALA A 97 -3.77 -16.60 10.77
C ALA A 97 -2.49 -17.29 10.33
N TRP A 98 -2.55 -18.61 10.19
CA TRP A 98 -1.44 -19.36 9.61
C TRP A 98 -1.71 -19.67 8.16
N ILE A 100 -0.16 -21.87 4.95
CA ILE A 100 0.65 -23.05 4.58
C ILE A 100 0.49 -23.24 3.08
N VAL A 101 1.59 -23.24 2.34
CA VAL A 101 1.60 -23.54 0.90
C VAL A 101 2.42 -24.81 0.75
N GLU A 102 1.88 -25.79 0.03
CA GLU A 102 2.62 -27.01 -0.25
C GLU A 102 2.55 -27.34 -1.73
N SER A 103 3.70 -27.70 -2.29
CA SER A 103 3.78 -28.32 -3.60
C SER A 103 3.91 -29.80 -3.31
N ASP A 104 4.27 -30.61 -4.31
CA ASP A 104 4.44 -32.01 -4.00
C ASP A 104 5.75 -32.28 -3.25
N GLN A 105 6.74 -31.39 -3.34
CA GLN A 105 8.04 -31.60 -2.65
C GLN A 105 8.42 -30.61 -1.56
N GLN A 106 7.67 -29.52 -1.42
CA GLN A 106 8.12 -28.38 -0.61
C GLN A 106 6.96 -27.80 0.21
N ARG A 107 7.27 -27.15 1.32
CA ARG A 107 6.27 -26.45 2.15
C ARG A 107 6.80 -25.09 2.56
N GLY A 108 5.98 -24.07 2.39
CA GLY A 108 6.31 -22.73 2.92
C GLY A 108 5.21 -22.39 3.92
N GLU A 109 5.52 -21.52 4.86
CA GLU A 109 4.52 -21.14 5.84
C GLU A 109 4.86 -19.79 6.44
N SER A 110 3.83 -19.11 6.91
CA SER A 110 4.03 -17.81 7.56
C SER A 110 2.81 -17.56 8.41
N ARG A 111 3.02 -17.01 9.60
CA ARG A 111 1.89 -16.49 10.37
C ARG A 111 1.72 -14.99 10.16
N SER A 112 0.48 -14.55 9.90
CA SER A 112 0.23 -13.14 9.69
C SER A 112 0.49 -12.35 10.97
N ALA A 113 0.68 -11.02 10.82
CA ALA A 113 0.89 -10.07 11.91
C ALA A 113 -0.29 -10.21 12.84
N CYS A 114 -0.03 -10.25 14.15
CA CYS A 114 -1.12 -10.43 15.12
C CYS A 114 -1.68 -9.10 15.61
N LEU A 115 -2.91 -9.13 16.12
CA LEU A 115 -3.48 -7.91 16.70
C LEU A 115 -4.38 -8.22 17.89
N LEU A 117 -7.48 -8.03 20.12
CA LEU A 117 -8.94 -7.94 19.99
C LEU A 117 -9.53 -7.19 21.18
N PRO A 118 -10.68 -6.51 20.97
CA PRO A 118 -11.27 -5.81 22.11
C PRO A 118 -11.62 -6.77 23.26
N PRO A 119 -11.40 -6.35 24.52
CA PRO A 119 -11.84 -7.19 25.64
C PRO A 119 -13.28 -7.68 25.51
N LEU A 120 -14.22 -6.82 25.09
CA LEU A 120 -15.63 -7.21 24.96
C LEU A 120 -15.79 -8.39 23.98
N VAL A 121 -15.01 -8.36 22.91
CA VAL A 121 -15.04 -9.41 21.88
C VAL A 121 -14.51 -10.71 22.48
N LEU A 122 -13.34 -10.64 23.09
CA LEU A 122 -12.74 -11.82 23.70
C LEU A 122 -13.64 -12.47 24.77
N GLU A 123 -14.28 -11.66 25.61
CA GLU A 123 -15.22 -12.20 26.61
C GLU A 123 -16.37 -12.97 25.95
N ARG A 124 -17.01 -12.37 24.95
CA ARG A 124 -18.18 -12.97 24.29
C ARG A 124 -17.80 -14.15 23.42
N LEU A 125 -16.58 -14.12 22.90
CA LEU A 125 -15.99 -15.29 22.24
C LEU A 125 -15.93 -16.45 23.23
N ARG A 126 -15.39 -16.19 24.42
CA ARG A 126 -15.25 -17.18 25.50
C ARG A 126 -16.61 -17.76 25.92
N GLN A 127 -17.68 -17.12 25.47
CA GLN A 127 -19.07 -17.52 25.79
C GLN A 127 -19.71 -18.42 24.72
N ALA A 128 -19.02 -18.61 23.61
CA ALA A 128 -19.54 -19.44 22.51
C ALA A 128 -18.40 -20.09 21.73
N GLU A 130 -19.94 -17.03 17.23
CA GLU A 130 -18.90 -16.88 16.22
C GLU A 130 -18.26 -15.49 16.31
N LEU A 131 -17.03 -15.38 15.83
CA LEU A 131 -16.27 -14.11 15.88
C LEU A 131 -16.95 -13.00 15.05
N GLY A 132 -17.56 -13.41 13.93
CA GLY A 132 -18.23 -12.51 13.01
C GLY A 132 -19.46 -11.89 13.63
N ASP A 133 -20.28 -12.73 14.26
CA ASP A 133 -21.47 -12.29 14.99
C ASP A 133 -21.13 -11.28 16.09
N VAL A 134 -19.98 -11.48 16.76
CA VAL A 134 -19.57 -10.64 17.90
C VAL A 134 -19.17 -9.23 17.46
N ASP A 136 -19.90 -7.73 14.56
CA ASP A 136 -21.10 -7.08 14.01
C ASP A 136 -21.91 -6.37 15.07
N GLU A 137 -22.08 -7.01 16.22
CA GLU A 137 -22.84 -6.45 17.34
C GLU A 137 -22.04 -5.33 18.03
N VAL A 138 -20.74 -5.59 18.25
CA VAL A 138 -19.88 -4.66 18.98
C VAL A 138 -19.65 -3.36 18.18
N PHE A 139 -19.48 -3.49 16.86
CA PHE A 139 -19.21 -2.31 16.01
C PHE A 139 -20.42 -1.67 15.32
N GLY A 140 -21.56 -2.36 15.29
CA GLY A 140 -22.77 -1.81 14.67
C GLY A 140 -22.74 -1.79 13.16
N GLY A 148 -13.76 -5.42 5.15
CA GLY A 148 -12.35 -5.30 5.49
C GLY A 148 -11.99 -6.14 6.70
N GLY A 149 -13.00 -6.85 7.25
CA GLY A 149 -12.87 -7.67 8.46
C GLY A 149 -12.64 -6.87 9.73
N ALA A 150 -12.43 -7.57 10.83
CA ALA A 150 -12.02 -6.98 12.09
C ALA A 150 -10.80 -6.03 11.93
N ILE A 151 -9.79 -6.46 11.16
CA ILE A 151 -8.59 -5.65 10.90
C ILE A 151 -9.00 -4.31 10.27
N GLY A 152 -9.90 -4.34 9.29
CA GLY A 152 -10.42 -3.13 8.60
C GLY A 152 -11.14 -2.18 9.57
N LEU A 153 -12.09 -2.72 10.32
CA LEU A 153 -12.78 -1.95 11.39
C LEU A 153 -11.81 -1.33 12.43
N LEU A 154 -10.94 -2.16 13.00
CA LEU A 154 -10.06 -1.72 14.11
C LEU A 154 -8.94 -0.75 13.70
N THR A 155 -8.54 -0.80 12.42
CA THR A 155 -7.48 0.09 11.94
C THR A 155 -8.04 1.29 11.21
N ARG A 156 -9.36 1.43 11.26
CA ARG A 156 -10.09 2.41 10.43
C ARG A 156 -9.63 2.35 8.94
N HIS A 157 -9.46 1.14 8.44
CA HIS A 157 -9.10 0.88 7.03
C HIS A 157 -7.70 1.26 6.55
N HIS A 158 -6.80 1.53 7.50
CA HIS A 158 -5.40 1.72 7.16
C HIS A 158 -4.80 0.38 6.75
N LEU A 159 -5.41 -0.69 7.25
CA LEU A 159 -5.14 -2.06 6.80
C LEU A 159 -6.49 -2.75 6.56
N THR A 160 -6.51 -3.82 5.78
CA THR A 160 -7.67 -4.70 5.75
C THR A 160 -7.23 -6.14 6.00
N ARG A 161 -8.17 -7.05 6.25
CA ARG A 161 -7.82 -8.45 6.29
C ARG A 161 -7.10 -8.88 5.00
N SER A 162 -7.59 -8.48 3.82
CA SER A 162 -6.95 -8.91 2.59
C SER A 162 -5.49 -8.39 2.42
N THR A 163 -5.21 -7.15 2.81
CA THR A 163 -3.83 -6.64 2.71
C THR A 163 -2.84 -7.24 3.73
N VAL A 164 -3.35 -7.60 4.92
CA VAL A 164 -2.52 -8.29 5.92
C VAL A 164 -2.30 -9.75 5.48
N TYR A 165 -3.34 -10.40 4.97
CA TYR A 165 -3.16 -11.80 4.51
C TYR A 165 -2.21 -11.91 3.31
N HIS A 166 -2.25 -10.89 2.45
CA HIS A 166 -1.43 -10.83 1.24
C HIS A 166 0.04 -10.92 1.61
N GLN A 167 0.49 -10.15 2.62
CA GLN A 167 1.88 -10.23 3.06
C GLN A 167 2.27 -11.64 3.54
N ALA A 168 1.43 -12.26 4.37
CA ALA A 168 1.76 -13.58 4.92
C ALA A 168 1.80 -14.63 3.81
N LEU A 169 0.89 -14.50 2.84
CA LEU A 169 0.89 -15.45 1.72
C LEU A 169 2.16 -15.33 0.87
N ILE A 170 2.60 -14.10 0.59
CA ILE A 170 3.87 -13.90 -0.13
C ILE A 170 5.04 -14.49 0.68
N LEU A 171 5.04 -14.26 1.99
CA LEU A 171 6.14 -14.80 2.82
C LEU A 171 6.15 -16.32 2.80
N ALA A 172 4.95 -16.91 2.77
CA ALA A 172 4.84 -18.38 2.72
C ALA A 172 5.32 -18.95 1.43
N LEU A 173 5.40 -18.11 0.39
CA LEU A 173 5.86 -18.56 -0.94
C LEU A 173 7.37 -18.55 -1.11
N ILE A 174 8.07 -17.98 -0.12
CA ILE A 174 9.53 -17.82 -0.22
C ILE A 174 10.31 -19.11 -0.63
N PRO A 175 10.05 -20.27 0.00
CA PRO A 175 10.81 -21.49 -0.42
C PRO A 175 10.64 -21.85 -1.88
N PHE A 176 9.49 -21.50 -2.44
CA PHE A 176 9.17 -21.81 -3.84
C PHE A 176 9.85 -20.84 -4.81
N ILE A 177 9.97 -19.58 -4.39
CA ILE A 177 10.66 -18.48 -5.12
C ILE A 177 12.19 -18.69 -5.11
N ASN A 178 12.67 -19.38 -4.08
CA ASN A 178 14.10 -19.48 -3.78
C ASN A 178 14.54 -20.92 -3.58
N PRO A 179 14.34 -21.78 -4.60
CA PRO A 179 14.68 -23.20 -4.42
C PRO A 179 16.13 -23.49 -3.98
N GLU A 180 17.09 -22.64 -4.36
CA GLU A 180 18.52 -22.88 -4.00
C GLU A 180 18.74 -22.83 -2.50
N HIS A 181 17.87 -22.09 -1.82
CA HIS A 181 18.07 -21.81 -0.39
C HIS A 181 17.19 -22.65 0.51
N TYR A 182 16.24 -23.37 -0.09
CA TYR A 182 15.25 -24.14 0.67
C TYR A 182 15.02 -25.53 0.09
N PRO A 183 15.51 -26.54 0.80
CA PRO A 183 15.26 -27.97 0.52
C PRO A 183 16.41 -28.80 1.09
N ASN B 1 20.48 27.98 9.33
CA ASN B 1 20.66 29.48 9.40
C ASN B 1 19.35 30.26 9.20
N ALA B 2 18.70 30.06 8.05
CA ALA B 2 17.50 30.84 7.68
C ALA B 2 16.17 30.09 7.83
N PRO B 4 12.71 28.78 9.80
CA PRO B 4 11.85 29.49 10.75
C PRO B 4 12.28 29.16 12.19
N PRO B 5 12.33 30.19 13.07
CA PRO B 5 12.77 29.87 14.45
C PRO B 5 11.85 28.83 15.09
N ILE B 6 12.43 27.94 15.88
CA ILE B 6 11.64 26.94 16.61
C ILE B 6 10.45 27.54 17.32
N ILE B 7 10.63 28.68 17.98
CA ILE B 7 9.52 29.26 18.75
C ILE B 7 8.32 29.73 17.92
N LYS B 8 8.54 29.87 16.62
CA LYS B 8 7.46 30.24 15.67
C LYS B 8 6.76 29.01 15.02
N ARG B 9 7.34 27.82 15.21
CA ARG B 9 6.74 26.60 14.63
C ARG B 9 5.57 26.09 15.46
N ARG B 10 4.74 25.27 14.82
CA ARG B 10 3.62 24.57 15.43
C ARG B 10 4.05 23.78 16.69
N VAL B 11 3.41 24.01 17.83
CA VAL B 11 3.72 23.23 19.04
C VAL B 11 3.26 21.76 18.79
N ARG B 13 3.61 17.45 20.39
CA ARG B 13 4.08 16.56 21.41
C ARG B 13 5.11 15.64 20.78
N LYS B 14 5.83 14.90 21.62
CA LYS B 14 6.91 14.05 21.15
C LYS B 14 6.49 12.59 21.18
N ILE B 15 7.15 11.82 20.31
CA ILE B 15 7.07 10.39 20.32
C ILE B 15 8.52 9.91 20.43
N ILE B 16 8.75 9.08 21.43
CA ILE B 16 10.07 8.52 21.69
C ILE B 16 10.15 7.11 21.15
N ILE B 17 11.14 6.89 20.30
CA ILE B 17 11.45 5.55 19.83
C ILE B 17 12.65 5.03 20.59
N ALA B 18 12.49 3.83 21.17
CA ALA B 18 13.58 3.24 21.93
C ALA B 18 14.60 2.57 20.99
N SER B 19 15.23 3.42 20.17
CA SER B 19 16.23 3.03 19.21
C SER B 19 16.84 4.27 18.58
N GLN B 20 18.12 4.16 18.23
CA GLN B 20 18.81 5.20 17.47
C GLN B 20 18.89 4.84 15.97
N ASN B 21 18.41 3.64 15.60
CA ASN B 21 18.50 3.19 14.22
C ASN B 21 17.56 4.05 13.37
N PRO B 22 18.09 4.78 12.38
CA PRO B 22 17.20 5.62 11.56
C PRO B 22 16.07 4.83 10.91
N ALA B 23 16.30 3.58 10.50
CA ALA B 23 15.19 2.81 9.87
C ALA B 23 14.02 2.57 10.83
N LYS B 24 14.31 2.38 12.11
CA LYS B 24 13.27 2.23 13.12
C LYS B 24 12.52 3.54 13.40
N VAL B 25 13.25 4.64 13.54
CA VAL B 25 12.62 5.96 13.72
C VAL B 25 11.69 6.27 12.55
N ASN B 26 12.21 6.03 11.34
CA ASN B 26 11.44 6.25 10.13
C ASN B 26 10.20 5.39 9.99
N ALA B 27 10.26 4.12 10.43
CA ALA B 27 9.12 3.24 10.39
C ALA B 27 8.05 3.76 11.34
N VAL B 28 8.48 4.19 12.51
CA VAL B 28 7.51 4.77 13.48
C VAL B 28 6.89 6.05 12.91
N ARG B 29 7.72 6.95 12.39
CA ARG B 29 7.22 8.23 11.79
C ARG B 29 6.19 7.92 10.67
N SER B 30 6.54 6.96 9.81
CA SER B 30 5.60 6.59 8.74
C SER B 30 4.24 6.07 9.28
N ALA B 31 4.27 5.22 10.31
CA ALA B 31 3.04 4.61 10.85
C ALA B 31 2.14 5.67 11.47
N PHE B 32 2.71 6.51 12.32
CA PHE B 32 1.88 7.56 12.97
C PHE B 32 1.36 8.60 11.97
N SER B 33 2.22 9.04 11.06
CA SER B 33 1.85 10.01 10.02
CA SER B 33 1.81 10.02 10.05
C SER B 33 0.75 9.46 9.09
N THR B 34 0.66 8.13 8.97
CA THR B 34 -0.43 7.47 8.19
C THR B 34 -1.76 7.37 8.98
N VAL B 35 -1.66 6.88 10.20
CA VAL B 35 -2.82 6.54 11.01
C VAL B 35 -3.48 7.79 11.63
N PHE B 36 -2.70 8.83 11.89
CA PHE B 36 -3.20 10.06 12.54
C PHE B 36 -2.75 11.29 11.73
N PRO B 37 -3.27 11.38 10.49
CA PRO B 37 -2.79 12.31 9.50
C PRO B 37 -3.13 13.77 9.88
N ASP B 38 -4.08 13.99 10.80
CA ASP B 38 -4.42 15.38 11.23
C ASP B 38 -3.74 15.84 12.52
N GLN B 39 -2.90 14.98 13.07
CA GLN B 39 -2.16 15.26 14.26
C GLN B 39 -0.68 15.18 13.91
N GLU B 40 0.13 15.98 14.59
CA GLU B 40 1.57 15.97 14.31
C GLU B 40 2.40 15.78 15.58
N TRP B 41 3.53 15.08 15.42
CA TRP B 41 4.46 14.85 16.48
C TRP B 41 5.87 15.06 15.98
N GLU B 42 6.77 15.20 16.94
CA GLU B 42 8.20 15.20 16.70
C GLU B 42 8.68 13.80 17.11
N PHE B 43 9.45 13.14 16.26
CA PHE B 43 9.86 11.73 16.48
C PHE B 43 11.30 11.72 16.90
N ILE B 44 11.58 11.14 18.06
CA ILE B 44 12.90 11.25 18.68
C ILE B 44 13.42 9.88 19.09
N GLY B 45 14.62 9.53 18.64
CA GLY B 45 15.23 8.26 19.06
C GLY B 45 16.06 8.43 20.31
N VAL B 46 16.08 7.39 21.13
CA VAL B 46 16.92 7.38 22.33
C VAL B 46 17.60 6.04 22.50
N SER B 47 18.67 6.04 23.28
CA SER B 47 19.47 4.82 23.48
C SER B 47 19.24 4.25 24.86
N VAL B 48 18.66 3.05 24.91
CA VAL B 48 18.40 2.42 26.22
C VAL B 48 18.59 0.91 26.00
N PRO B 49 18.95 0.17 27.07
CA PRO B 49 19.14 -1.29 26.97
C PRO B 49 17.83 -2.10 26.88
N SER B 50 17.88 -3.21 26.13
CA SER B 50 16.79 -4.19 26.11
C SER B 50 16.85 -5.14 27.29
N GLU B 51 18.05 -5.29 27.88
CA GLU B 51 18.31 -6.25 28.97
C GLU B 51 18.01 -7.72 28.62
N VAL B 52 18.04 -8.03 27.32
CA VAL B 52 17.95 -9.43 26.83
C VAL B 52 19.09 -9.61 25.83
N ALA B 53 19.21 -10.79 25.22
CA ALA B 53 20.27 -10.98 24.23
C ALA B 53 20.23 -10.01 23.06
N ASP B 54 21.41 -9.67 22.55
CA ASP B 54 21.53 -8.84 21.33
C ASP B 54 20.74 -9.48 20.20
N GLN B 55 20.75 -10.81 20.18
CA GLN B 55 19.93 -11.57 19.23
C GLN B 55 18.96 -12.48 20.03
N PRO B 56 17.73 -11.99 20.32
CA PRO B 56 16.74 -12.81 21.04
C PRO B 56 16.39 -14.09 20.30
N SER B 58 13.92 -16.44 21.20
CA SER B 58 12.58 -16.97 21.36
C SER B 58 11.60 -15.82 21.17
N ASP B 59 10.36 -16.16 20.87
CA ASP B 59 9.27 -15.17 20.81
C ASP B 59 9.17 -14.39 22.15
N GLU B 60 9.21 -15.13 23.24
CA GLU B 60 9.09 -14.53 24.57
C GLU B 60 10.21 -13.53 24.83
N GLU B 61 11.44 -13.90 24.52
CA GLU B 61 12.60 -13.00 24.77
C GLU B 61 12.55 -11.77 23.85
N THR B 62 12.14 -11.98 22.60
CA THR B 62 11.96 -10.85 21.67
C THR B 62 10.94 -9.81 22.23
N LYS B 63 9.80 -10.32 22.71
CA LYS B 63 8.75 -9.45 23.26
C LYS B 63 9.26 -8.73 24.52
N GLN B 64 9.94 -9.47 25.40
CA GLN B 64 10.48 -8.90 26.62
C GLN B 64 11.48 -7.80 26.31
N GLY B 65 12.33 -8.01 25.31
CA GLY B 65 13.26 -6.99 24.85
C GLY B 65 12.56 -5.68 24.48
N ALA B 66 11.48 -5.76 23.71
CA ALA B 66 10.78 -4.57 23.27
C ALA B 66 10.06 -3.88 24.46
N LEU B 67 9.46 -4.70 25.34
CA LEU B 67 8.83 -4.15 26.56
C LEU B 67 9.85 -3.46 27.43
N ASN B 68 11.02 -4.09 27.58
CA ASN B 68 12.09 -3.50 28.43
C ASN B 68 12.59 -2.17 27.84
N ARG B 69 12.75 -2.12 26.52
CA ARG B 69 13.22 -0.89 25.86
C ARG B 69 12.23 0.24 26.14
N VAL B 70 10.94 -0.08 26.04
CA VAL B 70 9.89 0.97 26.26
C VAL B 70 9.92 1.42 27.72
N ARG B 71 9.98 0.44 28.64
CA ARG B 71 10.04 0.76 30.07
C ARG B 71 11.20 1.67 30.43
N ASN B 72 12.37 1.29 29.91
CA ASN B 72 13.63 2.02 30.14
C ASN B 72 13.62 3.41 29.50
N ALA B 73 13.04 3.52 28.30
CA ALA B 73 12.87 4.80 27.61
C ALA B 73 11.97 5.75 28.43
N LYS B 74 10.88 5.23 28.98
CA LYS B 74 10.02 6.03 29.89
C LYS B 74 10.75 6.48 31.16
N GLN B 75 11.61 5.63 31.71
CA GLN B 75 12.33 5.95 32.95
C GLN B 75 13.43 6.99 32.70
N ARG B 76 14.13 6.86 31.58
CA ARG B 76 15.29 7.70 31.32
C ARG B 76 14.89 8.98 30.58
N HIS B 77 13.77 8.93 29.86
CA HIS B 77 13.38 10.04 28.97
C HIS B 77 11.89 10.36 29.09
N PRO B 78 11.47 10.76 30.30
CA PRO B 78 10.06 11.06 30.56
C PRO B 78 9.56 12.27 29.75
N GLY B 79 8.24 12.38 29.60
CA GLY B 79 7.64 13.58 29.00
C GLY B 79 6.94 13.40 27.67
N ALA B 80 7.19 12.30 26.94
CA ALA B 80 6.63 12.12 25.60
C ALA B 80 5.22 11.52 25.71
N GLU B 81 4.47 11.66 24.62
CA GLU B 81 3.10 11.19 24.61
C GLU B 81 3.04 9.69 24.36
N TYR B 82 3.93 9.17 23.50
CA TYR B 82 4.02 7.74 23.19
C TYR B 82 5.47 7.32 23.19
N TYR B 83 5.67 6.06 23.57
CA TYR B 83 6.97 5.41 23.53
C TYR B 83 6.83 4.13 22.71
N VAL B 84 7.78 3.87 21.82
CA VAL B 84 7.71 2.74 20.89
C VAL B 84 8.97 1.92 20.95
N GLY B 85 8.80 0.60 21.08
CA GLY B 85 9.88 -0.38 21.07
C GLY B 85 9.65 -1.29 19.89
N LEU B 86 10.74 -1.64 19.20
CA LEU B 86 10.66 -2.51 18.01
CA LEU B 86 10.67 -2.45 17.99
C LEU B 86 11.87 -3.42 18.06
N GLU B 87 11.64 -4.72 18.21
CA GLU B 87 12.75 -5.67 18.44
C GLU B 87 12.56 -6.91 17.56
N ALA B 88 13.56 -7.19 16.71
CA ALA B 88 13.61 -8.41 15.88
C ALA B 88 14.10 -9.60 16.71
N GLY B 89 13.58 -10.78 16.38
CA GLY B 89 13.91 -11.99 17.11
C GLY B 89 13.81 -13.21 16.22
N ILE B 90 14.21 -14.35 16.79
CA ILE B 90 14.10 -15.64 16.08
C ILE B 90 13.49 -16.65 17.03
N GLU B 91 12.75 -17.59 16.46
CA GLU B 91 12.35 -18.77 17.19
C GLU B 91 12.25 -19.93 16.21
N GLU B 92 12.91 -21.03 16.56
CA GLU B 92 13.12 -22.15 15.60
C GLU B 92 13.56 -21.59 14.24
N ASN B 93 12.80 -21.81 13.17
CA ASN B 93 13.27 -21.39 11.85
C ASN B 93 12.65 -20.10 11.35
N LYS B 94 12.04 -19.34 12.26
CA LYS B 94 11.31 -18.13 11.91
C LYS B 94 11.94 -16.89 12.50
N THR B 95 11.87 -15.80 11.73
CA THR B 95 12.19 -14.45 12.24
C THR B 95 10.96 -13.53 12.14
N PHE B 96 10.94 -12.51 12.97
CA PHE B 96 9.76 -11.68 13.16
C PHE B 96 10.22 -10.54 14.09
N ALA B 97 9.34 -9.59 14.36
CA ALA B 97 9.66 -8.53 15.28
C ALA B 97 8.42 -8.17 16.09
N TRP B 98 8.66 -7.80 17.35
CA TRP B 98 7.62 -7.29 18.26
C TRP B 98 7.62 -5.78 18.27
N ILE B 100 5.87 -2.63 20.29
CA ILE B 100 5.15 -2.23 21.52
C ILE B 100 4.96 -0.72 21.46
N VAL B 101 3.73 -0.25 21.66
CA VAL B 101 3.46 1.20 21.69
C VAL B 101 2.77 1.48 23.03
N GLU B 102 3.34 2.39 23.82
CA GLU B 102 2.69 2.78 25.08
C GLU B 102 2.42 4.28 25.13
N SER B 103 1.22 4.62 25.59
CA SER B 103 0.94 5.97 26.07
C SER B 103 1.23 5.95 27.59
N ASP B 104 0.76 6.96 28.33
CA ASP B 104 0.89 6.91 29.78
C ASP B 104 0.05 5.81 30.41
N GLN B 105 -1.09 5.51 29.80
CA GLN B 105 -2.09 4.63 30.40
C GLN B 105 -2.35 3.30 29.66
N GLN B 106 -1.79 3.13 28.46
CA GLN B 106 -2.28 2.05 27.62
C GLN B 106 -1.15 1.50 26.77
N ARG B 107 -1.24 0.21 26.44
CA ARG B 107 -0.23 -0.46 25.65
C ARG B 107 -0.85 -1.16 24.43
N GLY B 108 -0.34 -0.87 23.25
CA GLY B 108 -0.70 -1.61 22.07
C GLY B 108 0.50 -2.47 21.63
N GLU B 109 0.23 -3.62 21.01
CA GLU B 109 1.31 -4.59 20.64
C GLU B 109 0.93 -5.36 19.40
N SER B 110 1.93 -5.74 18.60
CA SER B 110 1.74 -6.59 17.46
C SER B 110 3.08 -7.20 17.14
N ARG B 111 3.05 -8.49 16.79
CA ARG B 111 4.21 -9.15 16.22
C ARG B 111 4.03 -9.24 14.72
N SER B 112 5.07 -8.85 14.01
CA SER B 112 5.00 -8.83 12.57
C SER B 112 4.86 -10.24 12.00
N ALA B 113 4.52 -10.30 10.72
CA ALA B 113 4.35 -11.58 10.03
C ALA B 113 5.73 -12.27 10.06
N CYS B 114 5.78 -13.59 10.19
CA CYS B 114 7.07 -14.26 10.28
C CYS B 114 7.54 -14.83 8.94
N LEU B 115 8.87 -14.90 8.82
CA LEU B 115 9.58 -15.32 7.61
C LEU B 115 10.33 -16.61 8.00
N LEU B 117 13.49 -18.84 7.64
CA LEU B 117 14.87 -18.58 7.23
C LEU B 117 15.46 -19.81 6.55
N PRO B 118 16.42 -19.60 5.62
CA PRO B 118 17.04 -20.79 5.03
C PRO B 118 17.78 -21.57 6.13
N PRO B 119 17.82 -22.91 6.02
CA PRO B 119 18.54 -23.80 6.93
C PRO B 119 20.00 -23.43 7.15
N LEU B 120 20.72 -23.04 6.09
CA LEU B 120 22.12 -22.59 6.19
C LEU B 120 22.26 -21.37 7.11
N VAL B 121 21.32 -20.41 7.00
CA VAL B 121 21.33 -19.23 7.88
C VAL B 121 21.17 -19.62 9.34
N LEU B 122 20.20 -20.47 9.64
CA LEU B 122 20.00 -20.93 11.02
C LEU B 122 21.25 -21.65 11.52
N GLU B 123 21.77 -22.54 10.68
CA GLU B 123 22.97 -23.28 11.00
C GLU B 123 24.14 -22.33 11.31
N ARG B 124 24.41 -21.40 10.40
CA ARG B 124 25.56 -20.49 10.55
C ARG B 124 25.45 -19.61 11.79
N LEU B 125 24.22 -19.32 12.22
CA LEU B 125 23.98 -18.51 13.41
C LEU B 125 24.64 -19.12 14.64
N GLU B 130 25.98 -13.09 14.69
CA GLU B 130 25.13 -11.99 14.24
C GLU B 130 24.36 -12.33 12.96
N LEU B 131 23.03 -12.18 13.00
CA LEU B 131 22.17 -12.57 11.89
C LEU B 131 22.52 -11.83 10.60
N GLY B 132 22.94 -10.57 10.76
CA GLY B 132 23.20 -9.66 9.65
C GLY B 132 24.35 -10.17 8.81
N ASP B 133 25.45 -10.49 9.49
CA ASP B 133 26.65 -11.06 8.89
C ASP B 133 26.34 -12.34 8.12
N VAL B 134 25.49 -13.19 8.72
CA VAL B 134 25.14 -14.48 8.14
C VAL B 134 24.33 -14.26 6.86
N ASP B 136 24.53 -11.64 4.95
CA ASP B 136 25.58 -11.25 4.01
C ASP B 136 26.38 -12.44 3.44
N GLU B 137 26.86 -13.33 4.31
CA GLU B 137 27.57 -14.55 3.83
C GLU B 137 26.73 -15.34 2.84
N VAL B 138 25.46 -15.58 3.19
CA VAL B 138 24.63 -16.54 2.46
C VAL B 138 24.09 -15.97 1.14
N PHE B 139 23.67 -14.70 1.16
CA PHE B 139 23.07 -14.10 -0.04
C PHE B 139 24.01 -13.16 -0.79
N GLY B 140 24.98 -12.61 -0.09
CA GLY B 140 25.93 -11.66 -0.66
C GLY B 140 25.65 -10.27 -0.12
N THR B 141 26.71 -9.61 0.33
CA THR B 141 26.62 -8.28 0.93
C THR B 141 25.96 -7.25 0.01
N GLU B 142 26.40 -7.23 -1.26
CA GLU B 142 25.86 -6.28 -2.24
C GLU B 142 24.43 -6.63 -2.66
N ASN B 143 24.18 -7.93 -2.81
CA ASN B 143 22.85 -8.46 -3.11
C ASN B 143 21.81 -8.00 -2.08
N ILE B 144 22.11 -8.25 -0.81
CA ILE B 144 21.28 -7.82 0.32
C ILE B 144 21.00 -6.32 0.26
N LYS B 145 22.06 -5.51 0.12
CA LYS B 145 21.95 -4.06 0.00
C LYS B 145 21.08 -3.62 -1.18
N GLN B 146 21.31 -4.23 -2.33
CA GLN B 146 20.62 -3.82 -3.53
C GLN B 146 19.14 -4.20 -3.56
N LYS B 147 18.76 -5.29 -2.90
CA LYS B 147 17.36 -5.71 -2.94
C LYS B 147 16.53 -5.18 -1.75
N GLY B 148 17.12 -4.36 -0.90
CA GLY B 148 16.39 -3.76 0.23
C GLY B 148 16.35 -4.66 1.46
N GLY B 149 17.25 -5.63 1.48
CA GLY B 149 17.34 -6.56 2.60
C GLY B 149 16.94 -7.98 2.24
N ALA B 150 17.05 -8.86 3.23
CA ALA B 150 16.71 -10.27 3.02
C ALA B 150 15.29 -10.45 2.56
N ILE B 151 14.32 -9.79 3.20
CA ILE B 151 12.91 -9.93 2.79
C ILE B 151 12.71 -9.44 1.35
N GLY B 152 13.24 -8.26 1.06
CA GLY B 152 13.28 -7.75 -0.30
C GLY B 152 13.86 -8.74 -1.29
N LEU B 153 14.95 -9.39 -0.91
CA LEU B 153 15.59 -10.37 -1.79
C LEU B 153 14.72 -11.60 -1.93
N LEU B 154 14.23 -12.12 -0.81
CA LEU B 154 13.51 -13.39 -0.82
C LEU B 154 12.12 -13.34 -1.49
N THR B 155 11.55 -12.15 -1.59
CA THR B 155 10.21 -12.01 -2.13
C THR B 155 10.21 -11.34 -3.48
N ARG B 156 11.39 -11.22 -4.10
CA ARG B 156 11.53 -10.55 -5.39
C ARG B 156 10.97 -9.14 -5.32
N HIS B 157 11.32 -8.46 -4.22
CA HIS B 157 10.97 -7.10 -3.89
CA HIS B 157 10.96 -7.05 -4.06
C HIS B 157 9.48 -6.81 -3.67
N HIS B 158 8.67 -7.86 -3.64
CA HIS B 158 7.26 -7.64 -3.34
C HIS B 158 6.97 -7.18 -1.90
N LEU B 159 7.83 -7.61 -0.97
CA LEU B 159 7.82 -7.08 0.40
C LEU B 159 9.23 -6.66 0.75
N THR B 160 9.34 -5.79 1.76
CA THR B 160 10.62 -5.49 2.40
C THR B 160 10.39 -5.49 3.90
N ARG B 161 11.47 -5.55 4.69
CA ARG B 161 11.34 -5.47 6.15
C ARG B 161 10.46 -4.29 6.49
N SER B 162 10.74 -3.15 5.84
CA SER B 162 9.98 -1.93 6.10
C SER B 162 8.46 -1.99 5.85
N THR B 163 8.01 -2.68 4.80
CA THR B 163 6.58 -2.74 4.54
C THR B 163 5.90 -3.79 5.43
N VAL B 164 6.68 -4.79 5.85
CA VAL B 164 6.30 -5.77 6.89
C VAL B 164 6.11 -5.09 8.25
N TYR B 165 7.09 -4.28 8.66
CA TYR B 165 7.08 -3.60 9.96
C TYR B 165 5.95 -2.59 9.97
N HIS B 166 5.72 -1.92 8.84
CA HIS B 166 4.64 -0.92 8.73
C HIS B 166 3.30 -1.50 9.14
N GLN B 167 2.97 -2.72 8.66
CA GLN B 167 1.68 -3.31 9.04
C GLN B 167 1.60 -3.58 10.55
N ALA B 168 2.67 -4.13 11.12
CA ALA B 168 2.69 -4.46 12.53
C ALA B 168 2.64 -3.18 13.40
N LEU B 169 3.30 -2.10 12.97
CA LEU B 169 3.14 -0.83 13.72
C LEU B 169 1.70 -0.31 13.71
N ILE B 170 1.05 -0.34 12.56
CA ILE B 170 -0.36 0.06 12.50
C ILE B 170 -1.24 -0.78 13.47
N LEU B 171 -1.07 -2.09 13.42
CA LEU B 171 -1.79 -3.02 14.32
C LEU B 171 -1.52 -2.70 15.80
N ALA B 172 -0.28 -2.33 16.11
CA ALA B 172 0.03 -2.00 17.50
C ALA B 172 -0.67 -0.71 17.95
N LEU B 173 -1.10 0.11 16.99
CA LEU B 173 -1.80 1.38 17.31
C LEU B 173 -3.29 1.20 17.49
N ILE B 174 -3.78 -0.02 17.28
CA ILE B 174 -5.24 -0.30 17.44
C ILE B 174 -5.96 0.25 18.71
N PRO B 175 -5.38 0.00 19.91
CA PRO B 175 -5.99 0.54 21.13
C PRO B 175 -6.12 2.06 21.17
N PHE B 176 -5.25 2.77 20.44
CA PHE B 176 -5.28 4.23 20.38
C PHE B 176 -6.15 4.76 19.27
N ILE B 177 -6.31 3.98 18.20
CA ILE B 177 -7.29 4.25 17.15
C ILE B 177 -8.71 4.10 17.73
N ASN B 178 -8.90 3.14 18.66
CA ASN B 178 -10.24 2.82 19.23
C ASN B 178 -10.35 2.85 20.71
N PRO B 179 -10.09 4.02 21.30
CA PRO B 179 -10.04 4.05 22.76
C PRO B 179 -11.29 3.50 23.44
N GLU B 180 -12.48 3.66 22.83
CA GLU B 180 -13.73 3.11 23.42
C GLU B 180 -13.80 1.59 23.46
N HIS B 181 -13.04 0.91 22.59
CA HIS B 181 -13.00 -0.56 22.58
C HIS B 181 -11.87 -1.16 23.45
N TYR B 182 -10.93 -0.30 23.88
CA TYR B 182 -9.76 -0.75 24.64
C TYR B 182 -9.61 0.09 25.92
N PRO B 183 -10.47 -0.16 26.92
CA PRO B 183 -10.41 0.64 28.16
C PRO B 183 -9.05 0.56 28.88
N SER B 184 -8.55 1.72 29.32
CA SER B 184 -7.28 1.84 30.03
C SER B 184 -7.46 2.40 31.45
N VAL C 11 -22.91 -20.10 -16.37
CA VAL C 11 -23.53 -18.74 -16.22
C VAL C 11 -22.50 -17.79 -15.62
N ARG C 13 -21.26 -13.17 -16.18
CA ARG C 13 -21.11 -12.00 -17.05
C ARG C 13 -19.69 -11.81 -17.57
N LYS C 14 -19.58 -11.12 -18.70
CA LYS C 14 -18.32 -10.85 -19.34
C LYS C 14 -17.88 -9.41 -19.04
N ILE C 15 -16.57 -9.22 -18.94
CA ILE C 15 -15.94 -7.91 -18.95
C ILE C 15 -14.95 -7.87 -20.11
N ILE C 16 -15.19 -6.95 -21.04
CA ILE C 16 -14.33 -6.81 -22.20
C ILE C 16 -13.27 -5.73 -21.93
N ILE C 17 -12.01 -6.11 -22.03
CA ILE C 17 -10.89 -5.15 -21.91
C ILE C 17 -10.39 -4.84 -23.31
N ALA C 18 -10.35 -3.57 -23.67
CA ALA C 18 -9.92 -3.14 -24.99
C ALA C 18 -8.40 -3.18 -25.13
N SER C 19 -7.87 -4.40 -25.02
CA SER C 19 -6.43 -4.68 -25.02
C SER C 19 -6.22 -6.17 -24.82
N GLN C 20 -5.17 -6.71 -25.44
CA GLN C 20 -4.79 -8.10 -25.23
C GLN C 20 -3.44 -8.21 -24.53
N ASN C 21 -2.93 -7.07 -24.07
CA ASN C 21 -1.80 -7.08 -23.18
C ASN C 21 -2.25 -7.82 -21.91
N PRO C 22 -1.65 -9.00 -21.62
CA PRO C 22 -1.99 -9.72 -20.39
C PRO C 22 -1.92 -8.84 -19.12
N ALA C 23 -0.94 -7.96 -19.04
CA ALA C 23 -0.76 -7.13 -17.86
C ALA C 23 -1.96 -6.20 -17.63
N LYS C 24 -2.55 -5.73 -18.74
CA LYS C 24 -3.73 -4.85 -18.68
C LYS C 24 -4.96 -5.63 -18.23
N VAL C 25 -5.19 -6.81 -18.83
CA VAL C 25 -6.29 -7.70 -18.40
C VAL C 25 -6.20 -8.05 -16.91
N ASN C 26 -4.98 -8.33 -16.46
CA ASN C 26 -4.74 -8.74 -15.07
C ASN C 26 -4.94 -7.57 -14.07
N ALA C 27 -4.53 -6.37 -14.46
CA ALA C 27 -4.86 -5.15 -13.71
C ALA C 27 -6.38 -4.99 -13.53
N VAL C 28 -7.13 -5.19 -14.61
CA VAL C 28 -8.59 -5.00 -14.56
C VAL C 28 -9.22 -6.07 -13.67
N ARG C 29 -8.80 -7.33 -13.86
CA ARG C 29 -9.32 -8.41 -13.03
C ARG C 29 -9.11 -8.11 -11.53
N SER C 30 -7.92 -7.62 -11.21
CA SER C 30 -7.57 -7.28 -9.84
C SER C 30 -8.41 -6.15 -9.22
N ALA C 31 -8.64 -5.07 -10.00
CA ALA C 31 -9.51 -3.95 -9.56
C ALA C 31 -10.91 -4.45 -9.31
N PHE C 32 -11.41 -5.30 -10.20
CA PHE C 32 -12.76 -5.82 -9.98
C PHE C 32 -12.85 -6.75 -8.78
N SER C 33 -11.84 -7.59 -8.54
CA SER C 33 -11.85 -8.48 -7.34
C SER C 33 -11.83 -7.68 -6.03
N THR C 34 -11.07 -6.58 -6.03
CA THR C 34 -10.99 -5.73 -4.86
C THR C 34 -12.34 -5.06 -4.52
N VAL C 35 -12.93 -4.42 -5.50
CA VAL C 35 -14.10 -3.61 -5.18
CA VAL C 35 -14.11 -3.58 -5.30
C VAL C 35 -15.38 -4.43 -5.15
N PHE C 36 -15.44 -5.50 -5.94
CA PHE C 36 -16.61 -6.39 -5.93
C PHE C 36 -16.19 -7.82 -5.58
N PRO C 37 -15.76 -8.06 -4.32
CA PRO C 37 -15.14 -9.34 -3.93
C PRO C 37 -16.05 -10.57 -4.03
N ASP C 38 -17.37 -10.35 -4.01
CA ASP C 38 -18.39 -11.40 -4.02
C ASP C 38 -18.89 -11.74 -5.43
N GLN C 39 -18.34 -11.09 -6.44
CA GLN C 39 -18.84 -11.30 -7.80
C GLN C 39 -17.80 -12.00 -8.70
N GLU C 40 -18.27 -12.59 -9.80
CA GLU C 40 -17.39 -13.30 -10.73
C GLU C 40 -17.67 -12.87 -12.15
N TRP C 41 -16.62 -12.66 -12.94
CA TRP C 41 -16.76 -12.32 -14.36
C TRP C 41 -15.80 -13.13 -15.20
N GLU C 42 -16.11 -13.31 -16.49
CA GLU C 42 -15.08 -13.75 -17.45
C GLU C 42 -14.43 -12.51 -18.01
N PHE C 43 -13.12 -12.40 -17.89
CA PHE C 43 -12.42 -11.20 -18.36
C PHE C 43 -11.81 -11.49 -19.71
N ILE C 44 -12.16 -10.67 -20.70
CA ILE C 44 -11.80 -10.98 -22.08
C ILE C 44 -11.13 -9.81 -22.76
N GLY C 45 -9.89 -10.05 -23.18
CA GLY C 45 -9.10 -9.05 -23.88
C GLY C 45 -9.33 -9.06 -25.37
N VAL C 46 -9.61 -7.89 -25.92
CA VAL C 46 -9.85 -7.74 -27.36
C VAL C 46 -8.92 -6.68 -27.97
N SER C 47 -8.73 -6.78 -29.29
CA SER C 47 -8.00 -5.81 -30.07
C SER C 47 -8.98 -4.99 -30.90
N VAL C 48 -9.00 -3.67 -30.68
CA VAL C 48 -9.84 -2.74 -31.46
C VAL C 48 -9.01 -1.48 -31.74
N PRO C 49 -9.37 -0.70 -32.80
CA PRO C 49 -8.63 0.54 -33.10
C PRO C 49 -8.84 1.64 -32.05
N SER C 50 -7.82 2.46 -31.84
CA SER C 50 -7.92 3.65 -30.97
C SER C 50 -8.30 4.88 -31.79
N GLU C 51 -8.04 4.82 -33.10
CA GLU C 51 -8.30 5.91 -34.05
C GLU C 51 -7.47 7.16 -33.72
N VAL C 52 -6.44 6.96 -32.92
CA VAL C 52 -5.45 8.01 -32.61
C VAL C 52 -4.03 7.48 -32.82
N ALA C 53 -3.01 8.30 -32.57
CA ALA C 53 -1.62 7.89 -32.82
C ALA C 53 -1.27 6.65 -32.01
N ASP C 54 -0.41 5.80 -32.56
CA ASP C 54 0.05 4.60 -31.85
C ASP C 54 0.74 4.98 -30.55
N GLN C 55 1.36 6.15 -30.53
CA GLN C 55 1.91 6.73 -29.32
C GLN C 55 1.24 8.09 -29.10
N PRO C 56 0.18 8.16 -28.28
CA PRO C 56 -0.46 9.46 -28.09
C PRO C 56 0.52 10.41 -27.46
N SER C 58 -0.41 13.64 -26.37
CA SER C 58 -1.08 14.58 -25.47
C SER C 58 -2.02 13.85 -24.50
N ASP C 59 -2.33 14.52 -23.40
CA ASP C 59 -3.37 14.06 -22.51
C ASP C 59 -4.71 13.85 -23.27
N GLU C 60 -5.11 14.86 -24.05
CA GLU C 60 -6.36 14.78 -24.82
C GLU C 60 -6.39 13.54 -25.71
N GLU C 61 -5.31 13.33 -26.45
CA GLU C 61 -5.24 12.22 -27.39
C GLU C 61 -5.31 10.86 -26.67
N THR C 62 -4.60 10.74 -25.54
CA THR C 62 -4.61 9.53 -24.71
C THR C 62 -6.00 9.18 -24.23
N LYS C 63 -6.72 10.17 -23.69
CA LYS C 63 -8.09 9.94 -23.23
C LYS C 63 -8.99 9.54 -24.42
N GLN C 64 -8.83 10.23 -25.55
CA GLN C 64 -9.66 9.95 -26.72
C GLN C 64 -9.46 8.55 -27.26
N GLY C 65 -8.20 8.11 -27.30
CA GLY C 65 -7.86 6.75 -27.71
C GLY C 65 -8.56 5.72 -26.82
N ALA C 66 -8.57 5.95 -25.51
CA ALA C 66 -9.25 5.06 -24.56
C ALA C 66 -10.77 5.07 -24.71
N LEU C 67 -11.36 6.27 -24.85
CA LEU C 67 -12.79 6.39 -25.19
C LEU C 67 -13.14 5.62 -26.48
N ASN C 68 -12.35 5.87 -27.52
CA ASN C 68 -12.57 5.19 -28.80
C ASN C 68 -12.48 3.68 -28.72
N ARG C 69 -11.44 3.18 -28.04
CA ARG C 69 -11.33 1.74 -27.91
C ARG C 69 -12.56 1.13 -27.25
N VAL C 70 -13.03 1.74 -26.17
CA VAL C 70 -14.24 1.24 -25.48
C VAL C 70 -15.46 1.30 -26.40
N ARG C 71 -15.60 2.38 -27.16
CA ARG C 71 -16.71 2.51 -28.13
C ARG C 71 -16.65 1.44 -29.20
N ASN C 72 -15.44 1.16 -29.70
CA ASN C 72 -15.25 0.11 -30.71
C ASN C 72 -15.45 -1.30 -30.19
N ALA C 73 -15.02 -1.51 -28.94
CA ALA C 73 -15.20 -2.78 -28.24
C ALA C 73 -16.67 -3.08 -28.06
N LYS C 74 -17.44 -2.07 -27.65
CA LYS C 74 -18.93 -2.20 -27.54
C LYS C 74 -19.58 -2.52 -28.87
N GLN C 75 -19.10 -1.89 -29.95
CA GLN C 75 -19.72 -2.14 -31.26
C GLN C 75 -19.38 -3.55 -31.76
N ARG C 76 -18.14 -3.98 -31.54
CA ARG C 76 -17.68 -5.30 -32.02
C ARG C 76 -18.07 -6.44 -31.09
N HIS C 77 -18.13 -6.18 -29.79
CA HIS C 77 -18.39 -7.25 -28.82
C HIS C 77 -19.56 -6.87 -27.90
N PRO C 78 -20.79 -6.78 -28.47
CA PRO C 78 -21.92 -6.27 -27.69
C PRO C 78 -22.30 -7.24 -26.57
N GLY C 79 -22.90 -6.73 -25.51
CA GLY C 79 -23.54 -7.62 -24.53
C GLY C 79 -22.87 -7.83 -23.21
N ALA C 80 -21.58 -7.52 -23.11
CA ALA C 80 -20.84 -7.62 -21.85
C ALA C 80 -21.34 -6.61 -20.79
N GLU C 81 -21.08 -6.89 -19.51
CA GLU C 81 -21.52 -6.01 -18.44
C GLU C 81 -20.69 -4.72 -18.32
N TYR C 82 -19.37 -4.87 -18.46
CA TYR C 82 -18.41 -3.76 -18.42
C TYR C 82 -17.44 -3.86 -19.60
N TYR C 83 -16.92 -2.69 -19.98
CA TYR C 83 -15.90 -2.52 -21.02
C TYR C 83 -14.86 -1.63 -20.41
N VAL C 84 -13.58 -1.97 -20.57
CA VAL C 84 -12.51 -1.14 -20.00
C VAL C 84 -11.46 -0.76 -21.06
N GLY C 85 -11.12 0.52 -21.09
CA GLY C 85 -9.99 1.02 -21.89
C GLY C 85 -8.90 1.47 -20.94
N LEU C 86 -7.65 1.23 -21.30
CA LEU C 86 -6.51 1.50 -20.44
C LEU C 86 -5.36 1.88 -21.38
N GLU C 87 -5.14 3.19 -21.56
CA GLU C 87 -4.27 3.67 -22.62
C GLU C 87 -3.22 4.58 -22.05
N ALA C 88 -1.97 4.26 -22.31
CA ALA C 88 -0.89 5.09 -21.83
C ALA C 88 -0.58 6.17 -22.87
N GLY C 89 -0.05 7.29 -22.41
CA GLY C 89 0.29 8.37 -23.32
C GLY C 89 1.33 9.25 -22.70
N ILE C 90 1.70 10.29 -23.43
CA ILE C 90 2.74 11.19 -22.98
C ILE C 90 2.28 12.62 -23.21
N GLU C 91 2.73 13.53 -22.34
CA GLU C 91 2.57 14.96 -22.55
C GLU C 91 3.74 15.67 -21.88
N GLU C 92 4.40 16.53 -22.66
CA GLU C 92 5.68 17.16 -22.28
C GLU C 92 6.65 16.03 -21.89
N ASN C 93 7.11 16.00 -20.65
CA ASN C 93 8.07 14.98 -20.23
C ASN C 93 7.47 13.94 -19.29
N LYS C 94 6.14 13.86 -19.29
CA LYS C 94 5.42 12.94 -18.40
CA LYS C 94 5.44 12.94 -18.41
C LYS C 94 4.74 11.83 -19.14
N THR C 95 4.57 10.73 -18.43
CA THR C 95 3.73 9.66 -18.94
C THR C 95 2.71 9.27 -17.88
N PHE C 96 1.60 8.68 -18.35
CA PHE C 96 0.44 8.40 -17.51
C PHE C 96 -0.47 7.51 -18.33
N ALA C 97 -1.57 7.04 -17.73
CA ALA C 97 -2.52 6.19 -18.44
C ALA C 97 -3.92 6.65 -18.13
N TRP C 98 -4.79 6.69 -19.14
CA TRP C 98 -6.22 6.95 -18.92
C TRP C 98 -6.96 5.62 -18.79
N ILE C 100 -10.78 4.06 -18.59
CA ILE C 100 -12.20 4.37 -18.87
C ILE C 100 -12.93 3.05 -18.61
N VAL C 101 -13.93 3.05 -17.74
CA VAL C 101 -14.80 1.89 -17.53
C VAL C 101 -16.23 2.29 -17.91
N GLU C 102 -16.86 1.50 -18.77
CA GLU C 102 -18.27 1.73 -19.10
C GLU C 102 -19.12 0.51 -18.83
N SER C 103 -20.33 0.73 -18.29
CA SER C 103 -21.36 -0.31 -18.34
C SER C 103 -22.19 0.06 -19.56
N ASP C 104 -23.34 -0.58 -19.76
CA ASP C 104 -24.22 -0.10 -20.81
C ASP C 104 -24.70 1.35 -20.56
N GLN C 105 -24.76 1.78 -19.29
CA GLN C 105 -25.47 3.00 -18.88
C GLN C 105 -24.59 4.17 -18.33
N GLN C 106 -23.37 3.83 -17.89
CA GLN C 106 -22.56 4.81 -17.18
CA GLN C 106 -22.54 4.72 -17.03
C GLN C 106 -21.07 4.65 -17.47
N ARG C 107 -20.31 5.73 -17.29
CA ARG C 107 -18.87 5.80 -17.56
C ARG C 107 -18.16 6.29 -16.28
N GLY C 108 -17.12 5.58 -15.85
CA GLY C 108 -16.20 6.09 -14.82
C GLY C 108 -14.85 6.32 -15.49
N GLU C 109 -14.07 7.27 -14.99
CA GLU C 109 -12.74 7.53 -15.59
C GLU C 109 -11.76 8.08 -14.59
N SER C 110 -10.47 7.78 -14.80
CA SER C 110 -9.40 8.35 -13.98
C SER C 110 -8.12 8.25 -14.80
N ARG C 111 -7.27 9.25 -14.62
CA ARG C 111 -5.92 9.23 -15.17
C ARG C 111 -4.95 8.86 -14.05
N SER C 112 -4.04 7.93 -14.32
CA SER C 112 -3.08 7.51 -13.30
C SER C 112 -2.13 8.66 -12.98
N ALA C 113 -1.49 8.55 -11.83
CA ALA C 113 -0.49 9.50 -11.36
C ALA C 113 0.63 9.54 -12.39
N CYS C 114 1.09 10.74 -12.76
CA CYS C 114 2.09 10.83 -13.82
C CYS C 114 3.54 10.71 -13.33
N LEU C 115 4.39 10.30 -14.26
CA LEU C 115 5.79 9.86 -14.04
C LEU C 115 6.63 10.78 -14.96
N LEU C 117 9.75 11.34 -17.19
CA LEU C 117 10.61 10.44 -17.94
C LEU C 117 12.07 10.89 -17.95
N PRO C 118 13.03 9.95 -17.90
CA PRO C 118 14.46 10.38 -17.99
C PRO C 118 14.71 11.07 -19.35
N PRO C 119 15.54 12.14 -19.41
CA PRO C 119 15.87 12.72 -20.73
C PRO C 119 16.37 11.73 -21.78
N LEU C 120 17.18 10.75 -21.38
CA LEU C 120 17.67 9.78 -22.35
C LEU C 120 16.50 9.13 -23.09
N VAL C 121 15.42 8.84 -22.38
CA VAL C 121 14.23 8.21 -22.95
C VAL C 121 13.44 9.15 -23.85
N LEU C 122 13.20 10.35 -23.34
CA LEU C 122 12.48 11.39 -24.05
C LEU C 122 13.14 11.76 -25.38
N GLU C 123 14.47 11.88 -25.36
CA GLU C 123 15.25 12.07 -26.59
C GLU C 123 15.00 10.98 -27.64
N ARG C 124 14.91 9.72 -27.19
CA ARG C 124 14.80 8.59 -28.11
C ARG C 124 13.39 8.41 -28.65
N LEU C 125 12.44 9.15 -28.10
CA LEU C 125 11.11 9.25 -28.69
C LEU C 125 11.21 10.14 -29.91
N ARG C 126 11.62 11.40 -29.69
CA ARG C 126 11.89 12.38 -30.73
C ARG C 126 12.63 11.77 -31.91
N GLU C 130 7.19 4.85 -29.95
CA GLU C 130 6.71 3.85 -29.01
C GLU C 130 7.51 3.88 -27.70
N LEU C 131 6.85 4.33 -26.63
CA LEU C 131 7.51 4.44 -25.33
C LEU C 131 8.02 3.10 -24.80
N GLY C 132 7.17 2.07 -24.88
CA GLY C 132 7.57 0.71 -24.46
C GLY C 132 8.85 0.18 -25.09
N ASP C 133 8.98 0.37 -26.40
CA ASP C 133 10.19 0.01 -27.13
C ASP C 133 11.45 0.68 -26.52
N VAL C 134 11.34 1.99 -26.25
CA VAL C 134 12.46 2.77 -25.71
C VAL C 134 12.81 2.33 -24.27
N ASP C 136 12.33 -0.64 -22.96
CA ASP C 136 13.02 -1.93 -23.14
C ASP C 136 14.44 -1.66 -23.57
N GLU C 137 14.60 -0.76 -24.54
CA GLU C 137 15.91 -0.40 -25.11
C GLU C 137 16.81 0.21 -24.03
N VAL C 138 16.23 1.00 -23.12
CA VAL C 138 17.01 1.75 -22.13
C VAL C 138 17.19 0.99 -20.80
N PHE C 139 16.14 0.29 -20.35
CA PHE C 139 16.21 -0.43 -19.08
C PHE C 139 16.42 -1.95 -19.23
N GLY C 140 16.19 -2.47 -20.44
CA GLY C 140 16.28 -3.91 -20.72
C GLY C 140 14.91 -4.54 -20.69
N THR C 141 14.57 -5.33 -21.72
CA THR C 141 13.25 -5.97 -21.81
C THR C 141 12.87 -6.77 -20.53
N GLU C 142 13.79 -7.59 -20.05
CA GLU C 142 13.50 -8.50 -18.95
C GLU C 142 13.41 -7.78 -17.61
N ASN C 143 14.19 -6.71 -17.45
CA ASN C 143 14.09 -5.90 -16.25
C ASN C 143 12.74 -5.20 -16.12
N ILE C 144 12.25 -4.64 -17.22
CA ILE C 144 10.90 -4.04 -17.25
C ILE C 144 9.82 -5.08 -16.89
N LYS C 145 9.97 -6.27 -17.44
CA LYS C 145 8.94 -7.29 -17.24
C LYS C 145 8.89 -7.88 -15.81
N GLN C 146 10.06 -8.08 -15.20
CA GLN C 146 10.10 -8.80 -13.93
C GLN C 146 10.12 -7.89 -12.69
N LYS C 147 10.46 -6.62 -12.89
CA LYS C 147 10.72 -5.72 -11.78
C LYS C 147 9.67 -4.63 -11.60
N GLY C 148 8.48 -4.82 -12.17
CA GLY C 148 7.37 -3.91 -11.92
C GLY C 148 7.29 -2.73 -12.88
N GLY C 149 7.87 -2.90 -14.09
CA GLY C 149 7.89 -1.84 -15.11
C GLY C 149 8.85 -0.69 -14.83
N ALA C 150 8.77 0.36 -15.65
CA ALA C 150 9.60 1.56 -15.42
C ALA C 150 9.30 2.12 -14.03
N ILE C 151 8.02 2.15 -13.65
CA ILE C 151 7.65 2.64 -12.31
C ILE C 151 8.39 1.87 -11.25
N GLY C 152 8.36 0.55 -11.35
CA GLY C 152 9.11 -0.33 -10.45
C GLY C 152 10.61 -0.04 -10.41
N LEU C 153 11.21 0.08 -11.59
CA LEU C 153 12.65 0.37 -11.67
C LEU C 153 13.04 1.76 -11.10
N LEU C 154 12.28 2.80 -11.47
CA LEU C 154 12.60 4.17 -11.09
C LEU C 154 12.28 4.50 -9.63
N THR C 155 11.35 3.77 -9.00
CA THR C 155 11.00 4.06 -7.59
C THR C 155 11.69 3.07 -6.67
N ARG C 156 12.56 2.27 -7.26
CA ARG C 156 13.23 1.15 -6.56
C ARG C 156 12.22 0.27 -5.82
N HIS C 157 11.13 -0.01 -6.53
CA HIS C 157 10.06 -0.90 -6.12
CA HIS C 157 9.28 -3.65 -6.60
C HIS C 157 9.22 -0.41 -4.94
N HIS C 158 9.32 0.88 -4.57
CA HIS C 158 8.39 1.43 -3.59
C HIS C 158 6.99 1.49 -4.24
N LEU C 159 6.95 1.61 -5.55
CA LEU C 159 5.70 1.48 -6.34
C LEU C 159 5.98 0.56 -7.49
N THR C 160 4.91 0.02 -8.10
CA THR C 160 5.04 -0.73 -9.36
C THR C 160 3.98 -0.24 -10.33
N ARG C 161 4.13 -0.58 -11.60
CA ARG C 161 3.07 -0.26 -12.55
C ARG C 161 1.73 -0.82 -12.07
N SER C 162 1.71 -2.10 -11.64
CA SER C 162 0.50 -2.72 -11.07
C SER C 162 -0.12 -1.88 -9.93
N THR C 163 0.70 -1.44 -8.97
CA THR C 163 0.11 -0.75 -7.81
C THR C 163 -0.39 0.64 -8.17
N VAL C 164 0.21 1.24 -9.20
CA VAL C 164 -0.21 2.59 -9.67
C VAL C 164 -1.50 2.48 -10.51
N TYR C 165 -1.52 1.50 -11.40
CA TYR C 165 -2.71 1.22 -12.19
C TYR C 165 -3.93 0.90 -11.36
N HIS C 166 -3.70 0.14 -10.29
CA HIS C 166 -4.75 -0.35 -9.39
C HIS C 166 -5.51 0.85 -8.83
N GLN C 167 -4.79 1.89 -8.42
CA GLN C 167 -5.44 3.07 -7.86
C GLN C 167 -6.36 3.76 -8.89
N ALA C 168 -5.88 3.97 -10.10
CA ALA C 168 -6.68 4.69 -11.11
C ALA C 168 -7.90 3.84 -11.52
N LEU C 169 -7.72 2.53 -11.61
CA LEU C 169 -8.86 1.62 -11.90
C LEU C 169 -9.93 1.65 -10.82
N ILE C 170 -9.52 1.64 -9.57
CA ILE C 170 -10.48 1.80 -8.46
C ILE C 170 -11.20 3.17 -8.56
N LEU C 171 -10.45 4.25 -8.79
CA LEU C 171 -11.08 5.58 -8.93
C LEU C 171 -12.05 5.58 -10.10
N ALA C 172 -11.72 4.85 -11.16
CA ALA C 172 -12.59 4.78 -12.35
C ALA C 172 -13.86 4.00 -12.06
N LEU C 173 -13.87 3.18 -11.00
CA LEU C 173 -15.04 2.40 -10.67
C LEU C 173 -16.02 3.14 -9.76
N ILE C 174 -15.68 4.35 -9.35
CA ILE C 174 -16.49 5.08 -8.38
C ILE C 174 -18.00 5.24 -8.74
N PRO C 175 -18.34 5.57 -10.01
CA PRO C 175 -19.78 5.69 -10.34
C PRO C 175 -20.59 4.41 -10.16
N PHE C 176 -19.96 3.27 -10.37
CA PHE C 176 -20.64 1.98 -10.26
C PHE C 176 -20.73 1.57 -8.78
N ILE C 177 -19.82 2.08 -7.96
CA ILE C 177 -19.89 1.92 -6.51
C ILE C 177 -21.00 2.83 -5.95
N ASN C 178 -21.19 4.02 -6.56
CA ASN C 178 -22.05 5.06 -5.99
C ASN C 178 -23.18 5.56 -6.94
N PRO C 179 -24.05 4.63 -7.38
CA PRO C 179 -25.01 5.01 -8.42
C PRO C 179 -25.91 6.19 -8.03
N GLU C 180 -26.25 6.31 -6.75
CA GLU C 180 -27.10 7.41 -6.28
C GLU C 180 -26.44 8.77 -6.53
N HIS C 181 -25.12 8.81 -6.44
CA HIS C 181 -24.39 10.07 -6.66
C HIS C 181 -23.94 10.30 -8.10
N TYR C 182 -23.98 9.24 -8.90
CA TYR C 182 -23.52 9.32 -10.28
C TYR C 182 -24.62 8.76 -11.18
N PRO C 183 -25.70 9.54 -11.39
CA PRO C 183 -26.85 9.01 -12.16
C PRO C 183 -26.44 8.91 -13.63
N SER C 184 -26.99 7.96 -14.35
CA SER C 184 -26.60 7.80 -15.75
C SER C 184 -27.25 8.85 -16.68
N ALA C 185 -28.26 9.56 -16.15
CA ALA C 185 -29.01 10.60 -16.88
C ALA C 185 -29.68 11.54 -15.87
N ARG D 13 18.85 16.30 8.06
CA ARG D 13 18.58 17.13 6.89
C ARG D 13 17.19 17.76 6.84
N LYS D 14 17.17 18.99 6.37
CA LYS D 14 15.98 19.81 6.51
C LYS D 14 15.11 19.68 5.27
N ILE D 15 13.80 19.49 5.49
CA ILE D 15 12.79 19.57 4.44
C ILE D 15 11.81 20.64 4.81
N ILE D 16 11.67 21.64 3.93
CA ILE D 16 10.69 22.67 4.10
C ILE D 16 9.45 22.21 3.30
N ILE D 17 8.29 22.12 3.95
CA ILE D 17 7.02 21.81 3.26
C ILE D 17 6.28 23.16 3.18
N ALA D 18 5.86 23.52 1.98
CA ALA D 18 5.19 24.81 1.75
C ALA D 18 3.70 24.72 2.05
N SER D 19 3.42 24.20 3.26
CA SER D 19 2.12 24.17 3.89
C SER D 19 2.31 23.94 5.37
N GLN D 20 1.40 24.47 6.17
CA GLN D 20 1.31 24.06 7.60
C GLN D 20 0.11 23.13 7.87
N ASN D 21 -0.57 22.70 6.83
CA ASN D 21 -1.70 21.81 7.00
C ASN D 21 -1.16 20.46 7.47
N PRO D 22 -1.61 19.95 8.65
CA PRO D 22 -1.06 18.67 9.18
C PRO D 22 -1.12 17.52 8.17
N ALA D 23 -2.23 17.34 7.44
CA ALA D 23 -2.35 16.21 6.49
C ALA D 23 -1.29 16.26 5.39
N LYS D 24 -0.98 17.48 4.96
CA LYS D 24 -0.02 17.65 3.88
C LYS D 24 1.36 17.42 4.44
N VAL D 25 1.65 17.95 5.63
CA VAL D 25 3.01 17.74 6.21
C VAL D 25 3.23 16.25 6.55
N ASN D 26 2.19 15.62 7.06
CA ASN D 26 2.27 14.17 7.31
C ASN D 26 2.44 13.31 6.05
N ALA D 27 1.84 13.72 4.94
CA ALA D 27 2.02 12.98 3.70
C ALA D 27 3.50 13.02 3.32
N VAL D 28 4.11 14.19 3.48
CA VAL D 28 5.55 14.33 3.17
C VAL D 28 6.39 13.49 4.14
N ARG D 29 6.06 13.54 5.41
CA ARG D 29 6.77 12.74 6.46
C ARG D 29 6.75 11.27 6.02
N SER D 30 5.55 10.80 5.65
CA SER D 30 5.43 9.38 5.29
C SER D 30 6.21 9.03 4.01
N ALA D 31 6.10 9.86 2.99
CA ALA D 31 6.83 9.64 1.73
C ALA D 31 8.34 9.61 1.95
N PHE D 32 8.93 10.63 2.60
CA PHE D 32 10.40 10.62 2.81
C PHE D 32 10.83 9.49 3.75
N SER D 33 10.06 9.25 4.83
CA SER D 33 10.40 8.18 5.80
C SER D 33 10.32 6.79 5.15
N THR D 34 9.50 6.66 4.10
CA THR D 34 9.39 5.43 3.32
C THR D 34 10.52 5.25 2.29
N VAL D 35 10.78 6.29 1.50
CA VAL D 35 11.70 6.18 0.38
C VAL D 35 13.16 6.23 0.85
N PHE D 36 13.44 7.00 1.90
CA PHE D 36 14.81 7.23 2.38
C PHE D 36 14.94 6.78 3.86
N PRO D 37 14.72 5.50 4.13
CA PRO D 37 14.53 5.05 5.52
C PRO D 37 15.82 5.07 6.38
N ASP D 38 16.98 5.25 5.74
CA ASP D 38 18.24 5.22 6.48
C ASP D 38 18.74 6.61 6.78
N GLN D 39 17.97 7.63 6.40
CA GLN D 39 18.36 9.04 6.62
C GLN D 39 17.63 9.75 7.78
N GLU D 40 18.29 10.73 8.39
CA GLU D 40 17.68 11.52 9.47
C GLU D 40 17.10 12.77 8.85
N TRP D 41 15.82 13.05 9.14
CA TRP D 41 15.03 14.10 8.50
C TRP D 41 14.38 15.03 9.52
N GLU D 42 14.47 16.32 9.28
CA GLU D 42 13.70 17.32 10.03
C GLU D 42 12.63 17.95 9.08
N PHE D 43 11.38 17.93 9.50
CA PHE D 43 10.27 18.38 8.64
C PHE D 43 9.75 19.70 9.20
N ILE D 44 9.69 20.70 8.34
CA ILE D 44 9.40 22.06 8.77
C ILE D 44 8.30 22.59 7.86
N GLY D 45 7.10 22.73 8.39
CA GLY D 45 5.97 23.24 7.58
C GLY D 45 5.97 24.75 7.65
N VAL D 46 5.76 25.41 6.52
CA VAL D 46 5.67 26.88 6.53
C VAL D 46 4.45 27.33 5.70
N SER D 47 3.95 28.54 5.95
CA SER D 47 2.84 29.10 5.16
C SER D 47 3.37 30.20 4.24
N VAL D 48 3.24 29.98 2.94
CA VAL D 48 3.67 30.93 1.91
C VAL D 48 2.54 31.13 0.91
N PRO D 49 2.48 32.30 0.25
CA PRO D 49 1.42 32.46 -0.76
C PRO D 49 1.65 31.68 -2.04
N SER D 50 0.56 31.31 -2.70
CA SER D 50 0.66 30.61 -3.97
C SER D 50 0.63 31.54 -5.19
N GLU D 51 0.16 32.78 -4.99
CA GLU D 51 -0.05 33.73 -6.12
C GLU D 51 -1.09 33.26 -7.16
N VAL D 52 -1.86 32.22 -6.84
CA VAL D 52 -3.00 31.83 -7.69
C VAL D 52 -4.30 31.83 -6.89
N ALA D 53 -5.42 31.42 -7.50
CA ALA D 53 -6.69 31.35 -6.75
C ALA D 53 -6.59 30.40 -5.56
N ASP D 54 -7.31 30.72 -4.48
CA ASP D 54 -7.41 29.80 -3.34
C ASP D 54 -7.88 28.40 -3.80
N GLN D 55 -8.76 28.36 -4.80
CA GLN D 55 -9.25 27.10 -5.43
C GLN D 55 -8.88 27.10 -6.92
N PRO D 56 -7.67 26.58 -7.29
CA PRO D 56 -7.29 26.57 -8.70
C PRO D 56 -8.27 25.74 -9.57
N SER D 58 -7.84 24.96 -13.06
CA SER D 58 -7.28 24.23 -14.19
C SER D 58 -6.04 23.48 -13.72
N ASP D 59 -5.63 22.53 -14.52
CA ASP D 59 -4.40 21.77 -14.27
C ASP D 59 -3.22 22.77 -14.18
N GLU D 60 -3.17 23.69 -15.13
CA GLU D 60 -2.08 24.65 -15.22
C GLU D 60 -1.97 25.52 -13.98
N GLU D 61 -3.10 26.06 -13.54
CA GLU D 61 -3.13 26.95 -12.39
C GLU D 61 -2.71 26.20 -11.09
N THR D 62 -3.17 24.96 -10.98
CA THR D 62 -2.88 24.12 -9.80
C THR D 62 -1.38 23.87 -9.73
N LYS D 63 -0.77 23.48 -10.86
CA LYS D 63 0.68 23.22 -10.85
C LYS D 63 1.47 24.54 -10.60
N GLN D 64 1.01 25.65 -11.20
CA GLN D 64 1.67 26.92 -10.99
C GLN D 64 1.65 27.31 -9.52
N GLY D 65 0.54 27.04 -8.84
CA GLY D 65 0.36 27.38 -7.42
C GLY D 65 1.40 26.61 -6.61
N ALA D 66 1.57 25.35 -6.92
CA ALA D 66 2.56 24.51 -6.20
C ALA D 66 4.00 24.98 -6.49
N LEU D 67 4.29 25.33 -7.75
CA LEU D 67 5.63 25.85 -8.08
C LEU D 67 5.91 27.16 -7.33
N ASN D 68 4.93 28.06 -7.35
CA ASN D 68 5.09 29.35 -6.67
C ASN D 68 5.33 29.18 -5.17
N ARG D 69 4.58 28.27 -4.53
CA ARG D 69 4.77 28.07 -3.07
C ARG D 69 6.19 27.56 -2.80
N VAL D 70 6.66 26.64 -3.63
CA VAL D 70 8.04 26.15 -3.47
C VAL D 70 9.06 27.29 -3.67
N ARG D 71 8.89 28.08 -4.73
CA ARG D 71 9.80 29.20 -4.97
C ARG D 71 9.79 30.22 -3.81
N ASN D 72 8.60 30.54 -3.34
CA ASN D 72 8.41 31.48 -2.24
C ASN D 72 9.00 30.92 -0.91
N ALA D 73 8.83 29.62 -0.68
CA ALA D 73 9.47 28.95 0.46
C ALA D 73 11.01 28.99 0.39
N LYS D 74 11.55 28.76 -0.80
CA LYS D 74 13.01 28.83 -1.02
C LYS D 74 13.53 30.22 -0.74
N GLN D 75 12.78 31.23 -1.16
CA GLN D 75 13.19 32.62 -0.96
C GLN D 75 13.19 33.01 0.52
N ARG D 76 12.14 32.61 1.23
CA ARG D 76 12.03 33.01 2.65
C ARG D 76 12.98 32.22 3.54
N HIS D 77 13.19 30.95 3.21
CA HIS D 77 13.92 30.02 4.02
C HIS D 77 14.97 29.25 3.21
N PRO D 78 16.01 29.96 2.68
CA PRO D 78 17.04 29.26 1.93
C PRO D 78 17.88 28.32 2.79
N GLY D 79 18.49 27.32 2.17
CA GLY D 79 19.44 26.44 2.89
C GLY D 79 18.94 25.06 3.29
N ALA D 80 17.66 24.76 3.05
CA ALA D 80 17.14 23.39 3.31
C ALA D 80 17.57 22.40 2.21
N GLU D 81 17.56 21.10 2.50
CA GLU D 81 17.89 20.15 1.47
C GLU D 81 16.77 20.00 0.41
N TYR D 82 15.52 20.00 0.87
CA TYR D 82 14.38 19.81 -0.02
C TYR D 82 13.29 20.80 0.33
N TYR D 83 12.53 21.16 -0.70
CA TYR D 83 11.36 21.99 -0.61
C TYR D 83 10.23 21.25 -1.29
N VAL D 84 9.09 21.12 -0.60
CA VAL D 84 7.95 20.35 -1.14
C VAL D 84 6.67 21.18 -1.22
N GLY D 85 6.05 21.17 -2.42
CA GLY D 85 4.76 21.83 -2.64
C GLY D 85 3.71 20.78 -2.92
N LEU D 86 2.51 20.94 -2.36
CA LEU D 86 1.43 20.05 -2.70
CA LEU D 86 1.41 20.03 -2.63
C LEU D 86 0.09 20.83 -2.71
N GLU D 87 -0.43 20.97 -3.92
CA GLU D 87 -1.59 21.84 -4.17
C GLU D 87 -2.70 21.06 -4.86
N ALA D 88 -3.87 21.00 -4.23
CA ALA D 88 -5.04 20.45 -4.86
C ALA D 88 -5.67 21.42 -5.86
N GLY D 89 -6.23 20.85 -6.93
CA GLY D 89 -6.82 21.64 -7.99
C GLY D 89 -8.01 20.94 -8.63
N ILE D 90 -8.70 21.66 -9.50
CA ILE D 90 -9.88 21.10 -10.21
C ILE D 90 -9.67 21.41 -11.66
N GLU D 91 -10.11 20.51 -12.54
CA GLU D 91 -10.31 20.89 -13.92
C GLU D 91 -11.52 20.15 -14.49
N GLU D 92 -12.48 20.93 -14.93
CA GLU D 92 -13.76 20.43 -15.41
C GLU D 92 -14.36 19.52 -14.33
N ASN D 93 -14.62 18.25 -14.63
CA ASN D 93 -15.21 17.39 -13.59
C ASN D 93 -14.22 16.53 -12.80
N LYS D 94 -12.94 16.95 -12.72
CA LYS D 94 -11.91 16.16 -12.06
C LYS D 94 -11.18 16.96 -11.01
N THR D 95 -10.75 16.28 -9.96
CA THR D 95 -9.87 16.89 -8.97
C THR D 95 -8.60 16.01 -8.78
N PHE D 96 -7.51 16.62 -8.32
CA PHE D 96 -6.18 15.97 -8.32
C PHE D 96 -5.32 16.93 -7.51
N ALA D 97 -4.05 16.59 -7.32
CA ALA D 97 -3.10 17.48 -6.70
C ALA D 97 -1.76 17.36 -7.40
N TRP D 98 -1.07 18.50 -7.54
CA TRP D 98 0.31 18.54 -8.00
C TRP D 98 1.25 18.49 -6.83
N ILE D 100 5.24 18.92 -6.02
CA ILE D 100 6.55 19.42 -6.49
C ILE D 100 7.63 19.18 -5.43
N VAL D 101 8.77 18.59 -5.80
CA VAL D 101 9.88 18.47 -4.83
C VAL D 101 11.11 19.09 -5.49
N GLU D 102 11.71 20.09 -4.86
CA GLU D 102 12.94 20.68 -5.37
C GLU D 102 14.12 20.50 -4.39
N SER D 103 15.25 20.12 -4.92
CA SER D 103 16.52 20.30 -4.20
C SER D 103 17.08 21.64 -4.73
N ASP D 104 18.33 21.94 -4.40
CA ASP D 104 18.97 23.15 -4.94
C ASP D 104 19.16 23.04 -6.44
N GLN D 105 19.38 21.82 -6.93
CA GLN D 105 19.76 21.56 -8.33
C GLN D 105 18.69 20.95 -9.23
N GLN D 106 17.64 20.34 -8.64
CA GLN D 106 16.77 19.42 -9.36
CA GLN D 106 16.75 19.49 -9.40
C GLN D 106 15.31 19.64 -8.96
N ARG D 107 14.37 19.32 -9.85
CA ARG D 107 12.96 19.40 -9.52
C ARG D 107 12.32 18.08 -9.94
N GLY D 108 11.54 17.45 -9.03
CA GLY D 108 10.73 16.28 -9.40
C GLY D 108 9.27 16.73 -9.30
N GLU D 109 8.39 16.10 -10.07
CA GLU D 109 6.97 16.49 -10.13
C GLU D 109 6.12 15.30 -10.43
N SER D 110 4.91 15.28 -9.85
CA SER D 110 3.91 14.30 -10.18
C SER D 110 2.53 14.92 -9.85
N ARG D 111 1.57 14.65 -10.73
CA ARG D 111 0.17 14.92 -10.44
C ARG D 111 -0.51 13.63 -10.00
N SER D 112 -1.26 13.71 -8.90
CA SER D 112 -1.94 12.52 -8.39
C SER D 112 -3.03 12.02 -9.32
N ALA D 113 -3.41 10.76 -9.13
CA ALA D 113 -4.51 10.18 -9.88
C ALA D 113 -5.79 11.00 -9.67
N CYS D 114 -6.56 11.23 -10.74
CA CYS D 114 -7.70 12.18 -10.61
C CYS D 114 -9.02 11.47 -10.28
N LEU D 115 -9.85 12.17 -9.53
CA LEU D 115 -11.16 11.71 -9.10
C LEU D 115 -12.22 12.43 -9.95
N LEU D 117 -15.75 13.96 -10.34
CA LEU D 117 -16.77 14.56 -9.46
C LEU D 117 -18.17 14.27 -9.98
N PRO D 118 -19.16 14.08 -9.05
CA PRO D 118 -20.56 13.89 -9.38
C PRO D 118 -21.10 15.13 -10.12
N PRO D 119 -22.07 14.95 -11.03
CA PRO D 119 -22.60 16.12 -11.73
C PRO D 119 -23.20 17.21 -10.80
N LEU D 120 -23.78 16.83 -9.66
CA LEU D 120 -24.29 17.84 -8.70
C LEU D 120 -23.14 18.70 -8.11
N VAL D 121 -22.00 18.07 -7.86
CA VAL D 121 -20.80 18.83 -7.40
C VAL D 121 -20.37 19.88 -8.42
N LEU D 122 -20.28 19.48 -9.68
CA LEU D 122 -19.92 20.39 -10.78
C LEU D 122 -20.93 21.53 -10.93
N GLU D 123 -22.20 21.23 -10.71
CA GLU D 123 -23.24 22.26 -10.79
C GLU D 123 -22.99 23.35 -9.77
N ARG D 124 -22.65 22.92 -8.54
CA ARG D 124 -22.32 23.83 -7.46
C ARG D 124 -21.02 24.63 -7.67
N LEU D 125 -19.98 23.98 -8.17
CA LEU D 125 -18.74 24.69 -8.55
C LEU D 125 -19.02 25.81 -9.56
N ARG D 126 -19.95 25.56 -10.47
CA ARG D 126 -20.39 26.60 -11.45
C ARG D 126 -21.08 27.79 -10.81
N GLN D 127 -21.56 27.60 -9.59
CA GLN D 127 -22.18 28.66 -8.81
C GLN D 127 -21.15 29.32 -7.90
N ALA D 128 -19.86 29.13 -8.21
CA ALA D 128 -18.74 29.75 -7.46
C ALA D 128 -18.63 29.28 -6.01
N LYS D 129 -19.00 28.02 -5.76
CA LYS D 129 -18.98 27.48 -4.40
C LYS D 129 -17.66 26.78 -4.15
N GLU D 130 -17.27 26.67 -2.89
CA GLU D 130 -15.98 26.06 -2.57
C GLU D 130 -16.13 24.53 -2.51
N LEU D 131 -15.16 23.83 -3.10
CA LEU D 131 -15.25 22.37 -3.21
C LEU D 131 -15.57 21.63 -1.89
N GLY D 132 -14.86 21.97 -0.81
CA GLY D 132 -15.04 21.23 0.47
C GLY D 132 -16.46 21.42 1.01
N ASP D 133 -16.98 22.63 0.86
CA ASP D 133 -18.37 22.92 1.22
C ASP D 133 -19.32 22.10 0.36
N VAL D 134 -19.04 22.07 -0.93
CA VAL D 134 -19.91 21.39 -1.88
C VAL D 134 -19.89 19.87 -1.58
N ASP D 136 -19.45 18.47 1.39
CA ASP D 136 -20.29 18.32 2.59
C ASP D 136 -21.77 18.36 2.26
N GLU D 137 -22.16 19.32 1.40
CA GLU D 137 -23.55 19.41 0.91
C GLU D 137 -24.01 18.13 0.22
N VAL D 138 -23.20 17.63 -0.69
CA VAL D 138 -23.59 16.51 -1.53
C VAL D 138 -23.53 15.15 -0.78
N PHE D 139 -22.45 14.92 0.00
CA PHE D 139 -22.25 13.68 0.79
C PHE D 139 -22.61 13.74 2.27
N GLY D 140 -22.62 14.94 2.82
CA GLY D 140 -22.86 15.13 4.24
C GLY D 140 -21.57 15.23 5.01
N THR D 141 -21.52 16.23 5.88
CA THR D 141 -20.38 16.53 6.72
C THR D 141 -19.90 15.36 7.57
N GLU D 142 -20.85 14.73 8.28
CA GLU D 142 -20.51 13.61 9.16
C GLU D 142 -20.08 12.39 8.37
N ASN D 143 -20.79 12.11 7.30
CA ASN D 143 -20.40 11.07 6.39
C ASN D 143 -18.98 11.20 5.86
N ILE D 144 -18.64 12.37 5.33
CA ILE D 144 -17.28 12.69 4.89
C ILE D 144 -16.28 12.48 6.03
N LYS D 145 -16.59 13.01 7.22
CA LYS D 145 -15.70 12.89 8.37
C LYS D 145 -15.51 11.44 8.81
N GLN D 146 -16.60 10.71 8.93
CA GLN D 146 -16.48 9.36 9.45
C GLN D 146 -15.80 8.37 8.49
N LYS D 147 -15.92 8.62 7.19
CA LYS D 147 -15.33 7.74 6.21
C LYS D 147 -13.92 8.18 5.84
N GLY D 148 -13.46 9.24 6.51
CA GLY D 148 -12.08 9.75 6.30
C GLY D 148 -11.90 10.53 5.03
N GLY D 149 -12.97 11.11 4.53
CA GLY D 149 -12.91 11.92 3.33
C GLY D 149 -13.66 11.36 2.14
N ALA D 150 -13.90 12.21 1.15
CA ALA D 150 -14.63 11.84 -0.05
C ALA D 150 -14.06 10.62 -0.75
N ILE D 151 -12.74 10.55 -0.89
CA ILE D 151 -12.18 9.38 -1.59
C ILE D 151 -12.44 8.10 -0.81
N GLY D 152 -12.19 8.13 0.50
CA GLY D 152 -12.54 7.03 1.40
C GLY D 152 -14.01 6.62 1.32
N LEU D 153 -14.90 7.60 1.37
CA LEU D 153 -16.34 7.35 1.20
C LEU D 153 -16.68 6.65 -0.15
N LEU D 154 -16.28 7.27 -1.27
CA LEU D 154 -16.62 6.81 -2.62
C LEU D 154 -16.00 5.47 -3.06
N THR D 155 -14.86 5.10 -2.48
CA THR D 155 -14.21 3.87 -2.85
C THR D 155 -14.37 2.77 -1.77
N ARG D 156 -15.30 2.96 -0.83
CA ARG D 156 -15.47 2.00 0.27
C ARG D 156 -14.13 1.69 0.98
N HIS D 157 -13.37 2.75 1.26
CA HIS D 157 -12.09 2.69 1.96
C HIS D 157 -10.96 2.01 1.20
N HIS D 158 -11.19 1.60 -0.04
CA HIS D 158 -10.11 1.00 -0.82
C HIS D 158 -8.99 1.99 -1.11
N LEU D 159 -9.36 3.27 -1.22
CA LEU D 159 -8.39 4.34 -1.27
C LEU D 159 -8.80 5.41 -0.31
N THR D 160 -7.83 6.26 -0.03
CA THR D 160 -7.99 7.43 0.79
C THR D 160 -7.22 8.58 0.08
N ARG D 161 -7.57 9.84 0.32
CA ARG D 161 -6.77 10.94 -0.23
C ARG D 161 -5.29 10.69 0.07
N SER D 162 -4.99 10.38 1.33
CA SER D 162 -3.63 10.12 1.78
C SER D 162 -2.89 8.98 1.00
N THR D 163 -3.55 7.85 0.72
CA THR D 163 -2.84 6.83 -0.02
C THR D 163 -2.66 7.17 -1.51
N VAL D 164 -3.57 8.00 -2.02
CA VAL D 164 -3.44 8.53 -3.38
C VAL D 164 -2.28 9.57 -3.42
N TYR D 165 -2.21 10.48 -2.46
CA TYR D 165 -1.13 11.47 -2.39
C TYR D 165 0.22 10.79 -2.21
N HIS D 166 0.26 9.70 -1.43
CA HIS D 166 1.50 8.94 -1.15
C HIS D 166 2.17 8.51 -2.46
N GLN D 167 1.40 7.96 -3.41
CA GLN D 167 1.98 7.47 -4.64
C GLN D 167 2.52 8.64 -5.48
N ALA D 168 1.81 9.77 -5.49
CA ALA D 168 2.28 10.94 -6.25
C ALA D 168 3.57 11.55 -5.66
N LEU D 169 3.66 11.60 -4.34
CA LEU D 169 4.92 12.04 -3.68
C LEU D 169 6.13 11.13 -4.03
N ILE D 170 5.92 9.81 -3.98
CA ILE D 170 6.99 8.85 -4.36
C ILE D 170 7.40 9.10 -5.82
N LEU D 171 6.41 9.24 -6.71
CA LEU D 171 6.75 9.54 -8.12
C LEU D 171 7.51 10.88 -8.29
N ALA D 172 7.18 11.86 -7.47
CA ALA D 172 7.85 13.15 -7.55
C ALA D 172 9.32 13.04 -7.09
N LEU D 173 9.61 12.01 -6.29
CA LEU D 173 10.94 11.81 -5.73
C LEU D 173 11.82 11.05 -6.70
N ILE D 174 11.26 10.61 -7.82
CA ILE D 174 12.07 9.80 -8.78
C ILE D 174 13.45 10.39 -9.17
N PRO D 175 13.51 11.66 -9.55
CA PRO D 175 14.85 12.21 -9.88
C PRO D 175 15.86 12.14 -8.75
N PHE D 176 15.39 12.04 -7.51
CA PHE D 176 16.28 12.03 -6.36
C PHE D 176 16.63 10.62 -5.97
N ILE D 177 15.70 9.71 -6.22
CA ILE D 177 15.94 8.25 -6.10
C ILE D 177 16.95 7.81 -7.19
N ASN D 178 16.89 8.41 -8.39
CA ASN D 178 17.75 8.00 -9.54
C ASN D 178 18.55 9.09 -10.16
N PRO D 179 19.53 9.65 -9.42
CA PRO D 179 20.20 10.79 -9.99
C PRO D 179 20.89 10.51 -11.33
N GLU D 180 21.28 9.26 -11.61
CA GLU D 180 21.96 8.92 -12.89
C GLU D 180 21.09 9.11 -14.12
N HIS D 181 19.79 8.96 -13.96
CA HIS D 181 18.84 9.05 -15.07
C HIS D 181 18.28 10.45 -15.23
N TYR D 182 18.49 11.30 -14.23
CA TYR D 182 17.97 12.65 -14.23
C TYR D 182 19.09 13.67 -13.89
N PRO D 183 19.98 13.95 -14.86
CA PRO D 183 21.08 14.87 -14.51
C PRO D 183 20.54 16.30 -14.30
N SER D 184 21.26 17.11 -13.53
CA SER D 184 20.78 18.43 -13.09
C SER D 184 21.46 19.61 -13.80
#